data_7WNQ
#
_entry.id   7WNQ
#
_cell.length_a   1.00
_cell.length_b   1.00
_cell.length_c   1.00
_cell.angle_alpha   90.00
_cell.angle_beta   90.00
_cell.angle_gamma   90.00
#
_symmetry.space_group_name_H-M   'P 1'
#
_entity_poly.entity_id   1
_entity_poly.type   'polypeptide(L)'
_entity_poly.pdbx_seq_one_letter_code
;MERKQSNAHSTFADINEVEDEAEQELQQQENNNNKRFSGNRGPNRGKQRPFRGFSRQVSLETGFSVLNRESRERDDKKSL
PRSGRSFGGFESGGIINGGDGRKTDFSMFRTKSTLSKQKSLLPSIIRERDIENSLRTEDGETKDDSINENVSAGRYFAAL
RGPELDEVKDNEDILLPKEEQWPFLLRFPIGCFGICLGLSSQAVLWLALAKSPATNFLHITPLINLVVWLFSLVVLVSVS
FTYILKCIFYFEAVKREYFHPVRVNFFFAPWVVCMFLAISVPPMFSPNRKYLHPAIWCVFMGPYFFLELKIYGQWLSGGK
RRLCKVANPSSHLSVVGNFVGAILASKVGWDEVAKFLWAVGFAHYLVVFVTLYQRLPTSEALPKELHPVYSMFIAAPSAA
SIAWNTIYGQFDGCSRTCFFIALFLYISLVARINFFTGFKFSVAWWSYTFPMTTASVATIKYAEAVPGYPSRALALTLSF
ISTAMVCVLFVSTLLHAFVWQTLFPNDLAIAITKRKLTREKKPFKRAYDLKRWTKQALAKKISAEKDFEAEEESHH
;
_entity_poly.pdbx_strand_id   A,B,C
#
# COMPACT_ATOMS: atom_id res chain seq x y z
N ASN A 150 -23.87 8.60 -24.65
CA ASN A 150 -23.01 7.99 -23.64
C ASN A 150 -21.92 8.98 -23.27
N VAL A 151 -22.04 9.54 -22.07
CA VAL A 151 -21.25 10.68 -21.63
C VAL A 151 -19.96 10.17 -20.98
N SER A 152 -18.85 10.81 -21.32
CA SER A 152 -17.54 10.44 -20.79
C SER A 152 -17.45 10.77 -19.30
N ALA A 153 -16.47 10.16 -18.64
CA ALA A 153 -16.31 10.36 -17.20
C ALA A 153 -15.74 11.73 -16.89
N GLY A 154 -14.87 12.25 -17.75
CA GLY A 154 -14.33 13.59 -17.55
C GLY A 154 -15.33 14.69 -17.82
N ARG A 155 -16.40 14.40 -18.56
CA ARG A 155 -17.44 15.40 -18.82
C ARG A 155 -18.38 15.55 -17.63
N TYR A 156 -18.57 14.50 -16.83
CA TYR A 156 -19.35 14.64 -15.60
C TYR A 156 -18.64 15.53 -14.59
N PHE A 157 -17.31 15.41 -14.48
CA PHE A 157 -16.58 16.29 -13.57
C PHE A 157 -16.52 17.73 -14.05
N ALA A 158 -16.58 17.95 -15.37
CA ALA A 158 -16.50 19.29 -15.91
C ALA A 158 -17.83 20.04 -15.85
N ALA A 159 -18.95 19.33 -15.91
CA ALA A 159 -20.25 19.96 -16.02
C ALA A 159 -21.01 20.01 -14.70
N LEU A 160 -20.62 19.22 -13.71
CA LEU A 160 -21.37 19.09 -12.47
C LEU A 160 -20.55 19.62 -11.31
N ARG A 161 -21.24 19.90 -10.21
CA ARG A 161 -20.66 20.65 -9.11
C ARG A 161 -21.29 20.20 -7.80
N GLY A 162 -20.49 19.99 -6.76
CA GLY A 162 -20.91 19.55 -5.45
C GLY A 162 -20.05 18.45 -4.94
N PRO A 163 -20.09 18.04 -3.67
CA PRO A 163 -19.40 16.81 -3.22
C PRO A 163 -19.93 15.48 -3.75
N GLU A 164 -21.05 15.40 -4.50
CA GLU A 164 -21.70 14.26 -5.02
C GLU A 164 -22.06 14.46 -6.43
N LEU A 165 -21.81 15.57 -7.06
CA LEU A 165 -22.00 15.95 -8.40
C LEU A 165 -23.40 16.01 -8.68
N ASP A 166 -24.05 16.82 -7.99
CA ASP A 166 -25.44 16.81 -8.07
C ASP A 166 -26.06 18.06 -8.57
N GLU A 167 -25.31 19.10 -8.71
CA GLU A 167 -25.79 20.36 -9.26
C GLU A 167 -25.06 20.68 -10.54
N VAL A 168 -25.77 21.31 -11.46
CA VAL A 168 -25.18 21.78 -12.71
C VAL A 168 -24.59 23.16 -12.47
N LYS A 169 -23.53 23.47 -13.21
CA LYS A 169 -22.86 24.75 -13.05
C LYS A 169 -23.64 25.85 -13.75
N ASP A 170 -23.21 27.09 -13.51
CA ASP A 170 -23.98 28.26 -13.91
C ASP A 170 -23.91 28.54 -15.41
N ASN A 171 -23.04 27.88 -16.16
CA ASN A 171 -22.88 28.14 -17.58
C ASN A 171 -23.20 26.93 -18.46
N GLU A 172 -23.86 25.92 -17.90
CA GLU A 172 -24.16 24.68 -18.59
C GLU A 172 -25.60 24.66 -19.06
N ASP A 173 -25.81 24.13 -20.26
CA ASP A 173 -27.14 23.91 -20.79
C ASP A 173 -27.49 22.44 -20.70
N ILE A 174 -28.78 22.15 -20.49
CA ILE A 174 -29.26 20.80 -20.26
C ILE A 174 -30.35 20.49 -21.27
N LEU A 175 -30.72 19.21 -21.33
CA LEU A 175 -31.61 18.70 -22.38
C LEU A 175 -33.08 18.74 -22.01
N LEU A 176 -33.42 19.05 -20.77
CA LEU A 176 -34.78 19.01 -20.25
C LEU A 176 -35.07 20.32 -19.55
N PRO A 177 -36.34 20.71 -19.44
CA PRO A 177 -36.68 21.97 -18.76
C PRO A 177 -36.36 21.95 -17.28
N LYS A 178 -36.16 23.14 -16.72
CA LYS A 178 -35.78 23.27 -15.33
C LYS A 178 -36.96 23.51 -14.40
N GLU A 179 -37.94 24.30 -14.83
CA GLU A 179 -39.01 24.75 -13.94
C GLU A 179 -40.27 23.92 -14.04
N GLU A 180 -40.56 23.36 -15.21
CA GLU A 180 -41.69 22.45 -15.37
C GLU A 180 -41.43 21.16 -14.60
N GLN A 181 -42.49 20.59 -14.02
CA GLN A 181 -42.35 19.40 -13.20
C GLN A 181 -42.29 18.16 -14.08
N TRP A 182 -41.28 17.32 -13.84
CA TRP A 182 -41.05 16.12 -14.64
C TRP A 182 -42.03 15.01 -14.21
N PRO A 183 -42.12 13.93 -14.98
CA PRO A 183 -42.76 12.72 -14.44
C PRO A 183 -41.96 12.14 -13.29
N PHE A 184 -42.68 11.44 -12.40
CA PHE A 184 -42.13 11.07 -11.10
C PHE A 184 -40.97 10.08 -11.20
N LEU A 185 -40.99 9.20 -12.19
CA LEU A 185 -39.94 8.20 -12.29
C LEU A 185 -38.63 8.76 -12.83
N LEU A 186 -38.60 10.00 -13.30
CA LEU A 186 -37.34 10.67 -13.62
C LEU A 186 -36.77 11.45 -12.44
N ARG A 187 -37.60 11.80 -11.47
CA ARG A 187 -37.17 12.54 -10.30
C ARG A 187 -36.77 11.65 -9.14
N PHE A 188 -36.62 10.35 -9.39
CA PHE A 188 -36.40 9.36 -8.34
C PHE A 188 -34.99 8.80 -8.48
N PRO A 189 -34.01 9.28 -7.72
CA PRO A 189 -32.63 8.84 -7.91
C PRO A 189 -32.38 7.45 -7.34
N ILE A 190 -31.18 6.92 -7.61
CA ILE A 190 -30.78 5.65 -7.03
C ILE A 190 -30.15 5.85 -5.66
N GLY A 191 -29.81 7.09 -5.30
CA GLY A 191 -29.21 7.39 -4.02
C GLY A 191 -30.11 7.20 -2.82
N CYS A 192 -31.40 6.94 -3.04
CA CYS A 192 -32.33 6.63 -1.97
C CYS A 192 -32.40 5.13 -1.67
N PHE A 193 -31.43 4.35 -2.16
CA PHE A 193 -31.07 3.11 -1.50
C PHE A 193 -30.19 3.34 -0.27
N GLY A 194 -29.75 4.59 -0.04
CA GLY A 194 -29.07 4.92 1.19
C GLY A 194 -29.97 5.01 2.39
N ILE A 195 -31.27 5.21 2.17
CA ILE A 195 -32.24 5.13 3.26
C ILE A 195 -32.32 3.70 3.78
N CYS A 196 -32.16 2.73 2.89
CA CYS A 196 -32.18 1.33 3.27
C CYS A 196 -30.88 0.90 3.93
N LEU A 197 -29.76 1.51 3.55
CA LEU A 197 -28.50 1.24 4.22
C LEU A 197 -28.47 1.78 5.65
N GLY A 198 -29.13 2.91 5.89
CA GLY A 198 -29.14 3.48 7.23
C GLY A 198 -30.06 2.77 8.19
N LEU A 199 -31.14 2.18 7.69
CA LEU A 199 -32.09 1.47 8.53
C LEU A 199 -31.68 0.02 8.77
N SER A 200 -31.14 -0.66 7.76
CA SER A 200 -30.80 -2.07 7.94
C SER A 200 -29.53 -2.26 8.76
N SER A 201 -28.71 -1.23 8.88
CA SER A 201 -27.53 -1.28 9.72
C SER A 201 -27.86 -1.00 11.18
N GLN A 202 -28.99 -0.36 11.45
CA GLN A 202 -29.48 -0.19 12.81
C GLN A 202 -30.12 -1.45 13.38
N ALA A 203 -30.53 -2.39 12.53
CA ALA A 203 -31.04 -3.66 13.01
C ALA A 203 -29.93 -4.60 13.41
N VAL A 204 -28.73 -4.42 12.87
CA VAL A 204 -27.56 -5.18 13.32
C VAL A 204 -27.09 -4.68 14.67
N LEU A 205 -27.20 -3.38 14.92
CA LEU A 205 -26.73 -2.78 16.17
C LEU A 205 -27.62 -3.15 17.33
N TRP A 206 -28.94 -3.02 17.18
CA TRP A 206 -29.84 -3.26 18.29
C TRP A 206 -30.10 -4.74 18.55
N LEU A 207 -29.57 -5.64 17.74
CA LEU A 207 -29.47 -7.04 18.14
C LEU A 207 -28.17 -7.32 18.88
N ALA A 208 -27.10 -6.59 18.53
CA ALA A 208 -25.85 -6.72 19.27
C ALA A 208 -25.94 -6.10 20.65
N LEU A 209 -26.74 -5.06 20.82
CA LEU A 209 -26.92 -4.46 22.14
C LEU A 209 -27.75 -5.33 23.07
N ALA A 210 -28.55 -6.25 22.53
CA ALA A 210 -29.44 -7.05 23.34
C ALA A 210 -28.93 -8.46 23.58
N LYS A 211 -27.93 -8.92 22.83
CA LYS A 211 -27.49 -10.31 22.87
C LYS A 211 -26.01 -10.43 23.18
N SER A 212 -25.40 -9.40 23.75
CA SER A 212 -23.98 -9.49 24.04
C SER A 212 -23.73 -9.42 25.53
N PRO A 213 -22.74 -10.16 26.04
CA PRO A 213 -22.45 -10.12 27.49
C PRO A 213 -21.80 -8.83 27.93
N ALA A 214 -21.27 -8.03 27.02
CA ALA A 214 -20.67 -6.75 27.38
C ALA A 214 -21.73 -5.72 27.75
N THR A 215 -22.93 -5.84 27.20
CA THR A 215 -24.00 -4.86 27.44
C THR A 215 -25.20 -5.51 28.13
N ASN A 216 -24.96 -6.52 28.98
CA ASN A 216 -26.03 -7.20 29.68
C ASN A 216 -26.66 -6.34 30.77
N PHE A 217 -25.92 -5.38 31.31
CA PHE A 217 -26.39 -4.57 32.43
C PHE A 217 -27.47 -3.57 32.04
N LEU A 218 -27.78 -3.42 30.75
CA LEU A 218 -28.77 -2.46 30.29
C LEU A 218 -30.17 -3.06 30.17
N HIS A 219 -30.26 -4.38 29.99
CA HIS A 219 -31.52 -5.14 29.86
C HIS A 219 -32.38 -4.61 28.71
N ILE A 220 -31.75 -4.48 27.55
CA ILE A 220 -32.43 -3.99 26.36
C ILE A 220 -33.30 -5.09 25.78
N THR A 221 -34.57 -4.77 25.52
CA THR A 221 -35.51 -5.76 25.03
C THR A 221 -35.19 -6.11 23.56
N PRO A 222 -35.38 -7.37 23.16
CA PRO A 222 -35.16 -7.75 21.76
C PRO A 222 -36.30 -7.43 20.82
N LEU A 223 -37.28 -6.65 21.25
CA LEU A 223 -38.37 -6.16 20.41
C LEU A 223 -38.00 -4.88 19.69
N ILE A 224 -36.83 -4.30 19.98
CA ILE A 224 -36.37 -3.18 19.18
C ILE A 224 -35.80 -3.70 17.86
N ASN A 225 -35.26 -4.92 17.86
CA ASN A 225 -34.81 -5.53 16.62
C ASN A 225 -35.98 -5.91 15.73
N LEU A 226 -37.13 -6.31 16.29
CA LEU A 226 -38.30 -6.63 15.47
C LEU A 226 -38.79 -5.44 14.68
N VAL A 227 -38.97 -4.30 15.36
CA VAL A 227 -39.61 -3.16 14.71
C VAL A 227 -38.68 -2.46 13.73
N VAL A 228 -37.37 -2.62 13.88
CA VAL A 228 -36.43 -2.02 12.93
C VAL A 228 -36.17 -2.96 11.75
N TRP A 229 -36.16 -4.28 11.97
CA TRP A 229 -35.97 -5.21 10.87
C TRP A 229 -37.19 -5.24 9.95
N LEU A 230 -38.38 -5.18 10.52
CA LEU A 230 -39.60 -5.19 9.72
C LEU A 230 -39.82 -3.85 9.00
N PHE A 231 -39.42 -2.74 9.60
CA PHE A 231 -39.55 -1.46 8.93
C PHE A 231 -38.49 -1.27 7.85
N SER A 232 -37.31 -1.84 8.03
CA SER A 232 -36.29 -1.77 6.99
C SER A 232 -36.60 -2.70 5.82
N LEU A 233 -37.47 -3.68 6.02
CA LEU A 233 -37.84 -4.63 4.98
C LEU A 233 -39.03 -4.17 4.15
N VAL A 234 -39.86 -3.27 4.69
CA VAL A 234 -40.93 -2.67 3.90
C VAL A 234 -40.38 -1.54 3.05
N VAL A 235 -39.40 -0.80 3.57
CA VAL A 235 -38.77 0.28 2.80
C VAL A 235 -37.93 -0.30 1.66
N LEU A 236 -37.28 -1.44 1.90
CA LEU A 236 -36.46 -2.07 0.87
C LEU A 236 -37.32 -2.62 -0.27
N VAL A 237 -38.47 -3.20 0.05
CA VAL A 237 -39.33 -3.73 -1.01
C VAL A 237 -40.13 -2.63 -1.69
N SER A 238 -40.16 -1.43 -1.11
CA SER A 238 -40.82 -0.28 -1.73
C SER A 238 -39.90 0.48 -2.67
N VAL A 239 -38.64 0.67 -2.28
CA VAL A 239 -37.69 1.36 -3.14
C VAL A 239 -37.32 0.49 -4.33
N SER A 240 -37.20 -0.82 -4.12
CA SER A 240 -36.81 -1.73 -5.19
C SER A 240 -37.91 -1.91 -6.22
N PHE A 241 -39.18 -1.84 -5.81
CA PHE A 241 -40.25 -2.00 -6.77
C PHE A 241 -40.41 -0.77 -7.66
N THR A 242 -40.28 0.42 -7.10
CA THR A 242 -40.40 1.64 -7.91
C THR A 242 -39.10 2.03 -8.60
N TYR A 243 -38.04 1.22 -8.50
CA TYR A 243 -36.89 1.42 -9.35
C TYR A 243 -36.86 0.45 -10.52
N ILE A 244 -37.52 -0.70 -10.39
CA ILE A 244 -37.73 -1.59 -11.52
C ILE A 244 -38.67 -0.96 -12.55
N LEU A 245 -39.67 -0.22 -12.07
CA LEU A 245 -40.54 0.54 -12.98
C LEU A 245 -39.83 1.70 -13.65
N LYS A 246 -38.72 2.19 -13.08
CA LYS A 246 -37.92 3.17 -13.78
C LYS A 246 -37.12 2.53 -14.91
N CYS A 247 -36.67 1.28 -14.71
CA CYS A 247 -35.95 0.56 -15.74
C CYS A 247 -36.83 0.13 -16.90
N ILE A 248 -38.13 -0.05 -16.67
CA ILE A 248 -39.03 -0.46 -17.73
C ILE A 248 -39.39 0.71 -18.63
N PHE A 249 -39.68 1.87 -18.04
CA PHE A 249 -40.20 2.98 -18.81
C PHE A 249 -39.15 4.02 -19.17
N TYR A 250 -38.10 4.18 -18.37
CA TYR A 250 -37.12 5.25 -18.52
C TYR A 250 -35.70 4.70 -18.43
N PHE A 251 -35.41 3.68 -19.23
CA PHE A 251 -34.11 3.01 -19.15
C PHE A 251 -32.96 3.87 -19.67
N GLU A 252 -33.25 4.92 -20.43
CA GLU A 252 -32.19 5.83 -20.87
C GLU A 252 -31.67 6.70 -19.72
N ALA A 253 -32.49 6.95 -18.71
CA ALA A 253 -32.05 7.68 -17.53
C ALA A 253 -31.32 6.79 -16.54
N VAL A 254 -31.61 5.49 -16.54
CA VAL A 254 -30.88 4.54 -15.70
C VAL A 254 -29.45 4.40 -16.19
N LYS A 255 -29.24 4.48 -17.50
CA LYS A 255 -27.90 4.39 -18.06
C LYS A 255 -27.07 5.65 -17.78
N ARG A 256 -27.70 6.82 -17.73
CA ARG A 256 -27.00 8.03 -17.32
C ARG A 256 -26.51 7.97 -15.88
N GLU A 257 -27.23 7.29 -15.00
CA GLU A 257 -26.81 7.08 -13.64
C GLU A 257 -25.73 6.01 -13.50
N TYR A 258 -25.70 5.04 -14.42
CA TYR A 258 -24.70 3.99 -14.36
C TYR A 258 -23.31 4.48 -14.73
N PHE A 259 -23.21 5.48 -15.60
CA PHE A 259 -21.92 6.01 -16.00
C PHE A 259 -21.54 7.28 -15.23
N HIS A 260 -22.41 7.76 -14.36
CA HIS A 260 -22.08 8.86 -13.45
C HIS A 260 -21.08 8.36 -12.43
N PRO A 261 -19.93 9.03 -12.24
CA PRO A 261 -18.84 8.44 -11.46
C PRO A 261 -19.12 8.28 -9.97
N VAL A 262 -20.10 8.99 -9.42
CA VAL A 262 -20.49 8.80 -8.03
C VAL A 262 -21.56 7.74 -7.89
N ARG A 263 -22.51 7.70 -8.83
CA ARG A 263 -23.67 6.84 -8.73
C ARG A 263 -23.45 5.44 -9.28
N VAL A 264 -22.23 5.08 -9.69
CA VAL A 264 -21.91 3.69 -9.99
C VAL A 264 -22.08 2.84 -8.75
N ASN A 265 -21.61 3.36 -7.62
CA ASN A 265 -21.44 2.62 -6.38
C ASN A 265 -22.74 2.35 -5.66
N PHE A 266 -23.83 2.98 -6.05
CA PHE A 266 -25.14 2.70 -5.50
C PHE A 266 -25.89 1.62 -6.25
N PHE A 267 -25.24 1.00 -7.23
CA PHE A 267 -25.73 -0.25 -7.81
C PHE A 267 -25.25 -1.47 -7.03
N PHE A 268 -24.18 -1.32 -6.25
CA PHE A 268 -23.78 -2.33 -5.28
C PHE A 268 -24.66 -2.31 -4.04
N ALA A 269 -25.24 -1.14 -3.74
CA ALA A 269 -25.99 -0.94 -2.50
C ALA A 269 -27.25 -1.80 -2.29
N PRO A 270 -28.07 -2.19 -3.28
CA PRO A 270 -29.22 -3.05 -2.95
C PRO A 270 -28.86 -4.43 -2.44
N TRP A 271 -27.67 -4.94 -2.73
CA TRP A 271 -27.28 -6.28 -2.34
C TRP A 271 -26.52 -6.31 -1.03
N VAL A 272 -26.04 -5.16 -0.56
CA VAL A 272 -25.48 -5.05 0.78
C VAL A 272 -26.58 -4.93 1.82
N VAL A 273 -27.72 -4.32 1.46
CA VAL A 273 -28.87 -4.25 2.33
C VAL A 273 -29.46 -5.63 2.57
N CYS A 274 -29.44 -6.48 1.55
CA CYS A 274 -29.99 -7.82 1.68
C CYS A 274 -29.13 -8.71 2.57
N MET A 275 -27.84 -8.41 2.68
CA MET A 275 -26.95 -9.16 3.56
C MET A 275 -26.98 -8.65 5.00
N PHE A 276 -27.29 -7.38 5.21
CA PHE A 276 -27.54 -6.86 6.56
C PHE A 276 -28.81 -7.42 7.16
N LEU A 277 -29.83 -7.68 6.35
CA LEU A 277 -31.06 -8.23 6.89
C LEU A 277 -30.96 -9.73 7.15
N ALA A 278 -29.93 -10.39 6.64
CA ALA A 278 -29.74 -11.83 6.78
C ALA A 278 -28.85 -12.20 7.96
N ILE A 279 -27.88 -11.35 8.31
CA ILE A 279 -27.04 -11.60 9.47
C ILE A 279 -27.67 -11.05 10.75
N SER A 280 -28.89 -10.53 10.68
CA SER A 280 -29.51 -9.91 11.83
C SER A 280 -30.99 -10.26 11.93
N VAL A 281 -31.37 -11.46 11.53
CA VAL A 281 -32.78 -11.88 11.59
C VAL A 281 -33.21 -12.00 13.04
N PRO A 282 -34.45 -11.64 13.38
CA PRO A 282 -34.92 -11.74 14.76
C PRO A 282 -35.01 -13.19 15.20
N PRO A 283 -34.60 -13.50 16.43
CA PRO A 283 -34.69 -14.88 16.92
C PRO A 283 -36.12 -15.36 17.13
N MET A 284 -37.11 -14.47 17.13
CA MET A 284 -38.50 -14.89 17.10
C MET A 284 -38.84 -15.62 15.80
N PHE A 285 -38.28 -15.16 14.68
CA PHE A 285 -38.59 -15.79 13.40
C PHE A 285 -37.71 -17.01 13.14
N SER A 286 -36.44 -16.93 13.54
CA SER A 286 -35.45 -17.97 13.24
C SER A 286 -34.85 -18.55 14.51
N PRO A 287 -35.55 -19.47 15.19
CA PRO A 287 -34.93 -20.19 16.30
C PRO A 287 -34.36 -21.54 15.85
N ASN A 288 -33.64 -22.19 16.77
CA ASN A 288 -33.20 -23.59 16.65
C ASN A 288 -32.32 -23.83 15.43
N ARG A 289 -31.41 -22.90 15.15
CA ARG A 289 -30.56 -23.01 13.97
C ARG A 289 -29.12 -22.73 14.34
N LYS A 290 -28.22 -23.62 13.92
CA LYS A 290 -26.80 -23.34 14.02
C LYS A 290 -26.30 -22.58 12.81
N TYR A 291 -26.74 -23.00 11.62
CA TYR A 291 -26.29 -22.44 10.34
C TYR A 291 -27.49 -22.05 9.48
N LEU A 292 -27.34 -20.94 8.76
CA LEU A 292 -28.28 -20.60 7.71
C LEU A 292 -28.09 -21.52 6.50
N HIS A 293 -29.06 -21.50 5.61
CA HIS A 293 -28.91 -22.34 4.42
C HIS A 293 -27.97 -21.64 3.42
N PRO A 294 -27.11 -22.40 2.73
CA PRO A 294 -26.12 -21.78 1.83
C PRO A 294 -26.72 -21.12 0.59
N ALA A 295 -27.97 -21.41 0.23
CA ALA A 295 -28.60 -20.74 -0.89
C ALA A 295 -28.97 -19.30 -0.58
N ILE A 296 -29.02 -18.92 0.71
CA ILE A 296 -29.19 -17.53 1.07
C ILE A 296 -27.97 -16.72 0.68
N TRP A 297 -26.79 -17.34 0.74
CA TRP A 297 -25.56 -16.66 0.35
C TRP A 297 -25.48 -16.50 -1.16
N CYS A 298 -25.86 -17.53 -1.90
CA CYS A 298 -25.63 -17.57 -3.34
C CYS A 298 -26.59 -16.67 -4.12
N VAL A 299 -27.73 -16.30 -3.53
CA VAL A 299 -28.68 -15.43 -4.19
C VAL A 299 -28.34 -13.95 -3.98
N PHE A 300 -27.75 -13.59 -2.85
CA PHE A 300 -27.43 -12.20 -2.53
C PHE A 300 -26.01 -11.80 -2.91
N MET A 301 -25.05 -12.70 -2.75
CA MET A 301 -23.65 -12.45 -3.10
C MET A 301 -23.35 -12.85 -4.55
N GLY A 302 -24.27 -13.52 -5.22
CA GLY A 302 -24.17 -13.85 -6.62
C GLY A 302 -24.07 -12.64 -7.54
N PRO A 303 -25.10 -11.78 -7.55
CA PRO A 303 -25.01 -10.55 -8.36
C PRO A 303 -24.07 -9.51 -7.81
N TYR A 304 -23.63 -9.60 -6.56
CA TYR A 304 -22.60 -8.68 -6.09
C TYR A 304 -21.25 -9.05 -6.68
N PHE A 305 -20.96 -10.34 -6.78
CA PHE A 305 -19.65 -10.80 -7.24
C PHE A 305 -19.51 -10.69 -8.75
N PHE A 306 -20.62 -10.83 -9.48
CA PHE A 306 -20.59 -10.68 -10.93
C PHE A 306 -20.33 -9.24 -11.33
N LEU A 307 -20.95 -8.29 -10.63
CA LEU A 307 -20.75 -6.88 -10.95
C LEU A 307 -19.40 -6.39 -10.47
N GLU A 308 -18.81 -7.10 -9.51
CA GLU A 308 -17.50 -6.79 -8.96
C GLU A 308 -16.38 -7.17 -9.92
N LEU A 309 -16.52 -8.29 -10.63
CA LEU A 309 -15.55 -8.69 -11.64
C LEU A 309 -15.51 -7.73 -12.81
N LYS A 310 -16.65 -7.13 -13.16
CA LYS A 310 -16.69 -6.20 -14.27
C LYS A 310 -16.04 -4.87 -13.93
N ILE A 311 -16.26 -4.38 -12.70
CA ILE A 311 -15.76 -3.07 -12.32
C ILE A 311 -14.28 -3.13 -11.97
N TYR A 312 -13.86 -4.17 -11.25
CA TYR A 312 -12.44 -4.26 -10.85
C TYR A 312 -11.55 -4.56 -12.05
N GLY A 313 -12.08 -5.25 -13.07
CA GLY A 313 -11.31 -5.46 -14.28
C GLY A 313 -11.11 -4.19 -15.07
N GLN A 314 -12.04 -3.24 -14.97
CA GLN A 314 -11.88 -1.93 -15.60
C GLN A 314 -10.93 -1.02 -14.84
N TRP A 315 -10.74 -1.25 -13.54
CA TRP A 315 -9.83 -0.41 -12.77
C TRP A 315 -8.38 -0.65 -13.13
N LEU A 316 -7.98 -1.91 -13.30
CA LEU A 316 -6.57 -2.18 -13.54
C LEU A 316 -6.21 -2.13 -15.02
N SER A 317 -7.17 -2.05 -15.92
CA SER A 317 -6.87 -1.95 -17.34
C SER A 317 -6.57 -0.49 -17.67
N GLY A 318 -6.41 -0.19 -18.95
CA GLY A 318 -5.95 1.13 -19.32
C GLY A 318 -6.87 1.97 -20.17
N GLY A 319 -8.18 1.73 -20.13
CA GLY A 319 -9.05 2.56 -20.94
C GLY A 319 -10.25 3.23 -20.28
N LYS A 320 -10.14 4.55 -20.12
CA LYS A 320 -11.24 5.52 -20.00
C LYS A 320 -12.13 5.44 -18.77
N ARG A 321 -11.99 4.40 -17.95
CA ARG A 321 -12.75 4.28 -16.71
C ARG A 321 -11.90 3.57 -15.68
N ARG A 322 -10.59 3.65 -15.84
CA ARG A 322 -9.68 3.15 -14.84
C ARG A 322 -9.73 4.06 -13.62
N LEU A 323 -9.22 3.53 -12.49
CA LEU A 323 -9.48 4.10 -11.18
C LEU A 323 -8.89 5.49 -10.99
N CYS A 324 -7.82 5.82 -11.69
CA CYS A 324 -7.24 7.16 -11.56
C CYS A 324 -8.08 8.24 -12.23
N LYS A 325 -9.12 7.87 -12.97
CA LYS A 325 -9.98 8.82 -13.65
C LYS A 325 -11.38 8.90 -13.06
N VAL A 326 -11.69 8.06 -12.06
CA VAL A 326 -13.07 7.89 -11.64
C VAL A 326 -13.18 7.95 -10.12
N ALA A 327 -12.04 8.00 -9.41
CA ALA A 327 -12.04 7.80 -7.97
C ALA A 327 -12.61 8.99 -7.21
N ASN A 328 -13.23 8.70 -6.08
CA ASN A 328 -13.94 9.61 -5.18
C ASN A 328 -14.16 8.88 -3.86
N PRO A 329 -14.62 9.54 -2.77
CA PRO A 329 -14.85 8.80 -1.51
C PRO A 329 -15.94 7.74 -1.57
N SER A 330 -16.88 7.83 -2.51
CA SER A 330 -17.95 6.85 -2.62
C SER A 330 -17.49 5.54 -3.24
N SER A 331 -16.26 5.46 -3.74
CA SER A 331 -15.70 4.23 -4.28
C SER A 331 -15.42 3.18 -3.22
N HIS A 332 -15.43 3.54 -1.94
CA HIS A 332 -15.32 2.57 -0.87
C HIS A 332 -16.56 1.69 -0.74
N LEU A 333 -17.69 2.10 -1.32
CA LEU A 333 -18.91 1.32 -1.28
C LEU A 333 -18.87 0.12 -2.21
N SER A 334 -17.90 0.08 -3.12
CA SER A 334 -17.64 -1.06 -3.98
C SER A 334 -16.76 -2.12 -3.33
N VAL A 335 -16.28 -1.87 -2.11
CA VAL A 335 -15.29 -2.72 -1.47
C VAL A 335 -15.90 -3.36 -0.22
N VAL A 336 -16.84 -2.66 0.41
CA VAL A 336 -17.33 -3.03 1.74
C VAL A 336 -18.23 -4.27 1.69
N GLY A 337 -18.82 -4.61 0.54
CA GLY A 337 -19.64 -5.80 0.47
C GLY A 337 -18.87 -7.10 0.44
N ASN A 338 -17.55 -7.04 0.25
CA ASN A 338 -16.70 -8.21 0.40
C ASN A 338 -16.58 -8.62 1.87
N PHE A 339 -16.70 -7.68 2.79
CA PHE A 339 -16.60 -8.00 4.20
C PHE A 339 -17.94 -8.33 4.82
N VAL A 340 -19.02 -7.75 4.30
CA VAL A 340 -20.36 -8.13 4.74
C VAL A 340 -20.70 -9.51 4.20
N GLY A 341 -20.20 -9.83 3.01
CA GLY A 341 -20.39 -11.15 2.44
C GLY A 341 -19.51 -12.22 3.02
N ALA A 342 -18.48 -11.85 3.77
CA ALA A 342 -17.65 -12.82 4.46
C ALA A 342 -18.22 -13.16 5.83
N ILE A 343 -19.00 -12.26 6.43
CA ILE A 343 -19.71 -12.56 7.66
C ILE A 343 -20.85 -13.54 7.38
N LEU A 344 -21.53 -13.36 6.25
CA LEU A 344 -22.67 -14.18 5.90
C LEU A 344 -22.26 -15.52 5.31
N ALA A 345 -21.03 -15.62 4.80
CA ALA A 345 -20.51 -16.90 4.36
C ALA A 345 -20.08 -17.77 5.53
N SER A 346 -19.64 -17.17 6.63
CA SER A 346 -19.28 -17.94 7.81
C SER A 346 -20.51 -18.51 8.48
N LYS A 347 -21.64 -17.81 8.42
CA LYS A 347 -22.83 -18.22 9.13
C LYS A 347 -23.73 -19.12 8.30
N VAL A 348 -23.28 -19.54 7.12
CA VAL A 348 -23.88 -20.67 6.42
C VAL A 348 -22.99 -21.91 6.49
N GLY A 349 -21.80 -21.80 7.06
CA GLY A 349 -20.92 -22.91 7.25
C GLY A 349 -19.75 -23.00 6.30
N TRP A 350 -19.43 -21.92 5.59
CA TRP A 350 -18.39 -21.94 4.55
C TRP A 350 -17.27 -20.98 4.96
N ASP A 351 -16.32 -21.47 5.76
CA ASP A 351 -15.24 -20.63 6.25
C ASP A 351 -14.10 -20.42 5.26
N GLU A 352 -14.02 -21.22 4.20
CA GLU A 352 -12.97 -21.00 3.21
C GLU A 352 -13.39 -20.02 2.12
N VAL A 353 -14.69 -19.92 1.85
CA VAL A 353 -15.20 -18.87 0.97
C VAL A 353 -15.14 -17.52 1.68
N ALA A 354 -15.26 -17.53 3.01
CA ALA A 354 -15.16 -16.31 3.79
C ALA A 354 -13.74 -15.78 3.82
N LYS A 355 -12.76 -16.68 3.82
CA LYS A 355 -11.35 -16.26 3.75
C LYS A 355 -10.97 -15.78 2.37
N PHE A 356 -11.66 -16.26 1.34
CA PHE A 356 -11.47 -15.76 -0.01
C PHE A 356 -11.97 -14.34 -0.17
N LEU A 357 -13.11 -14.03 0.45
CA LEU A 357 -13.72 -12.71 0.34
C LEU A 357 -13.06 -11.68 1.22
N TRP A 358 -12.39 -12.09 2.29
CA TRP A 358 -11.63 -11.14 3.09
C TRP A 358 -10.40 -10.65 2.33
N ALA A 359 -9.78 -11.53 1.54
CA ALA A 359 -8.52 -11.20 0.86
C ALA A 359 -8.73 -10.36 -0.39
N VAL A 360 -9.85 -10.53 -1.08
CA VAL A 360 -10.13 -9.67 -2.23
C VAL A 360 -10.60 -8.29 -1.76
N GLY A 361 -11.27 -8.22 -0.61
CA GLY A 361 -11.65 -6.93 -0.06
C GLY A 361 -10.48 -6.20 0.57
N PHE A 362 -9.49 -6.93 1.06
CA PHE A 362 -8.33 -6.30 1.68
C PHE A 362 -7.40 -5.70 0.65
N ALA A 363 -7.20 -6.38 -0.48
CA ALA A 363 -6.29 -5.90 -1.51
C ALA A 363 -6.84 -4.68 -2.23
N HIS A 364 -8.15 -4.63 -2.43
CA HIS A 364 -8.77 -3.49 -3.08
C HIS A 364 -9.07 -2.35 -2.14
N TYR A 365 -9.07 -2.58 -0.83
CA TYR A 365 -9.12 -1.48 0.11
C TYR A 365 -7.82 -0.68 0.08
N LEU A 366 -6.68 -1.36 -0.02
CA LEU A 366 -5.39 -0.67 -0.04
C LEU A 366 -5.18 0.14 -1.30
N VAL A 367 -5.79 -0.26 -2.41
CA VAL A 367 -5.62 0.49 -3.64
C VAL A 367 -6.42 1.78 -3.58
N VAL A 368 -7.67 1.72 -3.09
CA VAL A 368 -8.53 2.89 -3.04
C VAL A 368 -8.09 3.85 -1.95
N PHE A 369 -7.55 3.33 -0.85
CA PHE A 369 -7.12 4.18 0.26
C PHE A 369 -5.88 5.01 -0.13
N VAL A 370 -4.97 4.43 -0.89
CA VAL A 370 -3.74 5.13 -1.26
C VAL A 370 -3.98 6.07 -2.43
N THR A 371 -4.85 5.70 -3.38
CA THR A 371 -5.06 6.52 -4.57
C THR A 371 -5.83 7.80 -4.29
N LEU A 372 -6.51 7.91 -3.15
CA LEU A 372 -7.22 9.13 -2.81
C LEU A 372 -6.33 10.18 -2.18
N TYR A 373 -5.07 9.86 -1.90
CA TYR A 373 -4.10 10.80 -1.38
C TYR A 373 -3.27 11.46 -2.47
N GLN A 374 -3.68 11.37 -3.73
CA GLN A 374 -2.80 11.66 -4.85
C GLN A 374 -3.50 12.51 -5.89
N ARG A 375 -2.71 12.92 -6.87
CA ARG A 375 -3.08 13.98 -7.81
C ARG A 375 -3.79 13.37 -9.00
N LEU A 376 -5.10 13.46 -9.01
CA LEU A 376 -5.95 12.86 -10.02
C LEU A 376 -7.13 13.79 -10.26
N PRO A 377 -7.77 13.73 -11.49
CA PRO A 377 -8.68 14.82 -11.89
C PRO A 377 -10.00 14.95 -11.15
N THR A 378 -10.22 14.19 -10.07
CA THR A 378 -11.33 14.44 -9.17
C THR A 378 -11.10 15.76 -8.45
N SER A 379 -11.87 16.79 -8.80
CA SER A 379 -11.60 18.15 -8.36
C SER A 379 -12.64 18.65 -7.36
N GLU A 380 -13.92 18.64 -7.73
CA GLU A 380 -14.97 19.18 -6.88
C GLU A 380 -15.53 18.14 -5.92
N ALA A 381 -15.40 16.85 -6.25
CA ALA A 381 -15.90 15.78 -5.38
C ALA A 381 -15.00 15.52 -4.18
N LEU A 382 -13.91 16.24 -4.03
CA LEU A 382 -13.03 16.13 -2.87
C LEU A 382 -13.00 17.50 -2.19
N PRO A 383 -13.76 17.69 -1.10
CA PRO A 383 -13.89 19.04 -0.53
C PRO A 383 -12.62 19.52 0.16
N LYS A 384 -12.52 20.85 0.28
CA LYS A 384 -11.32 21.50 0.75
C LYS A 384 -11.06 21.29 2.23
N GLU A 385 -12.08 20.91 2.99
CA GLU A 385 -11.94 20.66 4.41
C GLU A 385 -12.83 19.48 4.77
N LEU A 386 -12.87 19.14 6.06
CA LEU A 386 -13.52 17.90 6.49
C LEU A 386 -15.03 17.95 6.38
N HIS A 387 -15.55 17.28 5.36
CA HIS A 387 -16.97 17.18 5.05
C HIS A 387 -17.49 15.86 5.63
N PRO A 388 -18.80 15.72 5.84
CA PRO A 388 -19.35 14.41 6.22
C PRO A 388 -19.21 13.31 5.17
N VAL A 389 -18.79 13.61 3.93
CA VAL A 389 -18.61 12.58 2.92
C VAL A 389 -17.40 11.71 3.22
N TYR A 390 -16.50 12.15 4.10
CA TYR A 390 -15.30 11.39 4.44
C TYR A 390 -15.57 10.28 5.45
N SER A 391 -16.83 10.08 5.85
CA SER A 391 -17.19 8.96 6.70
C SER A 391 -17.15 7.63 5.96
N MET A 392 -17.08 7.64 4.63
CA MET A 392 -16.99 6.41 3.84
C MET A 392 -15.67 5.69 4.05
N PHE A 393 -14.65 6.40 4.54
CA PHE A 393 -13.38 5.77 4.92
C PHE A 393 -13.51 4.84 6.12
N ILE A 394 -14.51 5.05 6.97
CA ILE A 394 -14.66 4.29 8.21
C ILE A 394 -15.28 2.91 7.97
N ALA A 395 -16.01 2.73 6.87
CA ALA A 395 -16.87 1.56 6.70
C ALA A 395 -16.08 0.28 6.50
N ALA A 396 -15.06 0.30 5.67
CA ALA A 396 -14.33 -0.92 5.33
C ALA A 396 -13.37 -1.43 6.41
N PRO A 397 -12.64 -0.61 7.18
CA PRO A 397 -11.92 -1.18 8.33
C PRO A 397 -12.82 -1.62 9.47
N SER A 398 -14.03 -1.07 9.58
CA SER A 398 -14.95 -1.51 10.63
C SER A 398 -15.49 -2.89 10.33
N ALA A 399 -15.89 -3.13 9.07
CA ALA A 399 -16.41 -4.43 8.68
C ALA A 399 -15.32 -5.48 8.53
N ALA A 400 -14.06 -5.07 8.30
CA ALA A 400 -12.98 -6.04 8.20
C ALA A 400 -12.62 -6.63 9.55
N SER A 401 -12.81 -5.88 10.64
CA SER A 401 -12.49 -6.38 11.96
C SER A 401 -13.60 -7.25 12.53
N ILE A 402 -14.85 -7.00 12.14
CA ILE A 402 -15.95 -7.87 12.51
C ILE A 402 -15.86 -9.19 11.75
N ALA A 403 -15.41 -9.14 10.49
CA ALA A 403 -15.37 -10.33 9.67
C ALA A 403 -14.25 -11.27 10.08
N TRP A 404 -13.08 -10.72 10.46
CA TRP A 404 -11.97 -11.55 10.91
C TRP A 404 -12.26 -12.20 12.26
N ASN A 405 -13.11 -11.58 13.07
CA ASN A 405 -13.49 -12.16 14.36
C ASN A 405 -14.46 -13.32 14.20
N THR A 406 -15.36 -13.27 13.21
CA THR A 406 -16.29 -14.38 13.04
C THR A 406 -15.63 -15.58 12.38
N ILE A 407 -14.59 -15.36 11.57
CA ILE A 407 -13.89 -16.46 10.92
C ILE A 407 -13.01 -17.20 11.92
N TYR A 408 -12.19 -16.48 12.68
CA TYR A 408 -11.20 -17.10 13.54
C TYR A 408 -11.62 -17.22 14.99
N GLY A 409 -12.69 -16.56 15.41
CA GLY A 409 -13.21 -16.73 16.75
C GLY A 409 -12.51 -15.94 17.83
N GLN A 410 -11.65 -15.00 17.46
CA GLN A 410 -10.88 -14.23 18.43
C GLN A 410 -10.58 -12.86 17.85
N PHE A 411 -10.48 -11.88 18.74
CA PHE A 411 -10.26 -10.49 18.35
C PHE A 411 -8.78 -10.17 18.48
N ASP A 412 -8.00 -10.80 17.61
CA ASP A 412 -6.54 -10.85 17.75
C ASP A 412 -5.88 -9.58 17.21
N GLY A 413 -4.56 -9.64 17.03
CA GLY A 413 -3.79 -8.47 16.64
C GLY A 413 -3.99 -8.01 15.21
N CYS A 414 -4.54 -8.87 14.35
CA CYS A 414 -4.94 -8.41 13.02
C CYS A 414 -6.29 -7.71 13.06
N SER A 415 -7.20 -8.18 13.93
CA SER A 415 -8.51 -7.57 14.05
C SER A 415 -8.46 -6.24 14.80
N ARG A 416 -7.51 -6.08 15.72
CA ARG A 416 -7.36 -4.83 16.45
C ARG A 416 -6.73 -3.73 15.60
N THR A 417 -5.86 -4.10 14.66
CA THR A 417 -5.23 -3.10 13.80
C THR A 417 -6.25 -2.48 12.86
N CYS A 418 -7.20 -3.27 12.37
CA CYS A 418 -8.26 -2.75 11.52
C CYS A 418 -9.23 -1.87 12.32
N PHE A 419 -9.53 -2.27 13.56
CA PHE A 419 -10.45 -1.51 14.40
C PHE A 419 -9.86 -0.17 14.83
N PHE A 420 -8.56 -0.12 15.07
CA PHE A 420 -7.93 1.10 15.55
C PHE A 420 -7.64 2.08 14.42
N ILE A 421 -7.64 1.64 13.17
CA ILE A 421 -7.59 2.57 12.04
C ILE A 421 -8.94 3.26 11.87
N ALA A 422 -10.03 2.50 12.02
CA ALA A 422 -11.37 3.06 11.90
C ALA A 422 -11.70 4.00 13.05
N LEU A 423 -11.12 3.77 14.23
CA LEU A 423 -11.37 4.62 15.39
C LEU A 423 -10.63 5.94 15.29
N PHE A 424 -9.44 5.97 14.66
CA PHE A 424 -8.75 7.23 14.45
C PHE A 424 -9.48 8.10 13.44
N LEU A 425 -9.95 7.51 12.35
CA LEU A 425 -10.74 8.24 11.36
C LEU A 425 -12.07 8.71 11.92
N TYR A 426 -12.61 8.00 12.90
CA TYR A 426 -13.84 8.44 13.56
C TYR A 426 -13.60 9.67 14.41
N ILE A 427 -12.51 9.67 15.20
CA ILE A 427 -12.18 10.78 16.07
C ILE A 427 -11.82 12.03 15.27
N SER A 428 -11.05 11.88 14.20
CA SER A 428 -10.63 13.03 13.42
C SER A 428 -11.71 13.57 12.49
N LEU A 429 -12.94 13.11 12.62
CA LEU A 429 -14.06 13.54 11.80
C LEU A 429 -15.25 14.01 12.62
N VAL A 430 -15.52 13.36 13.76
CA VAL A 430 -16.69 13.70 14.57
C VAL A 430 -16.31 14.59 15.76
N ALA A 431 -15.05 14.60 16.19
CA ALA A 431 -14.65 15.39 17.34
C ALA A 431 -14.21 16.79 16.92
N ARG A 432 -15.16 17.50 16.31
CA ARG A 432 -15.01 18.89 15.92
C ARG A 432 -16.29 19.62 16.33
N ILE A 433 -16.31 20.92 16.11
CA ILE A 433 -17.50 21.70 16.42
C ILE A 433 -18.34 21.98 15.16
N ASN A 434 -17.74 21.94 13.97
CA ASN A 434 -18.47 22.16 12.73
C ASN A 434 -19.11 20.90 12.18
N PHE A 435 -18.90 19.75 12.83
CA PHE A 435 -19.62 18.56 12.41
C PHE A 435 -21.07 18.60 12.85
N PHE A 436 -21.34 19.27 13.97
CA PHE A 436 -22.66 19.32 14.59
C PHE A 436 -23.42 20.58 14.17
N THR A 437 -22.73 21.72 14.08
CA THR A 437 -23.38 22.96 13.69
C THR A 437 -23.49 23.11 12.18
N GLY A 438 -22.69 22.37 11.41
CA GLY A 438 -22.82 22.40 9.97
C GLY A 438 -23.70 21.28 9.44
N PHE A 439 -24.96 21.24 9.88
CA PHE A 439 -25.91 20.24 9.43
C PHE A 439 -26.89 20.87 8.46
N LYS A 440 -26.93 20.34 7.24
CA LYS A 440 -27.92 20.69 6.24
C LYS A 440 -28.52 19.39 5.72
N PHE A 441 -29.81 19.19 5.62
CA PHE A 441 -30.37 17.93 5.22
C PHE A 441 -30.27 17.63 3.78
N SER A 442 -29.98 16.41 3.42
CA SER A 442 -30.04 15.93 2.17
C SER A 442 -30.35 14.48 2.34
N VAL A 443 -30.76 13.80 1.32
CA VAL A 443 -30.90 12.39 1.36
C VAL A 443 -29.58 11.73 1.32
N ALA A 444 -28.50 12.30 0.93
CA ALA A 444 -27.17 11.69 1.03
C ALA A 444 -26.67 11.57 2.46
N TRP A 445 -27.34 12.21 3.43
CA TRP A 445 -26.99 12.02 4.84
C TRP A 445 -27.31 10.63 5.35
N TRP A 446 -28.26 9.93 4.74
CA TRP A 446 -28.57 8.57 5.15
C TRP A 446 -27.41 7.63 4.87
N SER A 447 -26.65 7.81 3.95
CA SER A 447 -25.57 7.01 3.63
C SER A 447 -24.30 7.37 4.36
N TYR A 448 -24.20 8.35 5.21
CA TYR A 448 -23.14 8.78 5.99
C TYR A 448 -23.37 8.36 7.42
N THR A 449 -24.46 7.76 7.76
CA THR A 449 -24.85 7.30 8.99
C THR A 449 -24.51 5.93 8.97
N PHE A 450 -24.71 5.22 7.90
CA PHE A 450 -24.29 3.81 7.76
C PHE A 450 -22.89 3.46 8.23
N PRO A 451 -21.80 4.16 7.87
CA PRO A 451 -20.48 3.72 8.34
C PRO A 451 -20.18 4.09 9.78
N MET A 452 -20.99 4.93 10.41
CA MET A 452 -20.85 5.26 11.82
C MET A 452 -21.62 4.31 12.71
N THR A 453 -22.56 3.56 12.15
CA THR A 453 -23.25 2.48 12.84
C THR A 453 -22.46 1.18 12.79
N THR A 454 -21.73 0.96 11.69
CA THR A 454 -20.86 -0.20 11.58
C THR A 454 -19.69 -0.12 12.55
N ALA A 455 -19.22 1.10 12.82
CA ALA A 455 -18.15 1.30 13.79
C ALA A 455 -18.62 1.13 15.23
N SER A 456 -19.93 1.25 15.47
CA SER A 456 -20.50 0.96 16.78
C SER A 456 -20.63 -0.53 17.01
N VAL A 457 -20.81 -1.32 15.95
CA VAL A 457 -20.89 -2.76 16.09
C VAL A 457 -19.51 -3.34 16.38
N ALA A 458 -18.47 -2.72 15.84
CA ALA A 458 -17.12 -3.24 16.05
C ALA A 458 -16.57 -2.89 17.42
N THR A 459 -17.10 -1.86 18.07
CA THR A 459 -16.65 -1.51 19.41
C THR A 459 -17.45 -2.22 20.49
N ILE A 460 -18.55 -2.90 20.14
CA ILE A 460 -19.19 -3.82 21.08
C ILE A 460 -18.41 -5.12 21.14
N LYS A 461 -17.89 -5.57 20.01
CA LYS A 461 -17.08 -6.79 19.99
C LYS A 461 -15.68 -6.57 20.53
N TYR A 462 -15.18 -5.34 20.52
CA TYR A 462 -13.95 -5.03 21.23
C TYR A 462 -14.16 -4.98 22.74
N ALA A 463 -15.37 -4.60 23.19
CA ALA A 463 -15.65 -4.56 24.61
C ALA A 463 -15.83 -5.95 25.22
N GLU A 464 -15.98 -6.98 24.39
CA GLU A 464 -16.05 -8.36 24.85
C GLU A 464 -14.69 -8.99 25.01
N ALA A 465 -13.72 -8.61 24.17
CA ALA A 465 -12.37 -9.13 24.28
C ALA A 465 -11.59 -8.45 25.38
N VAL A 466 -11.84 -7.16 25.58
CA VAL A 466 -11.15 -6.38 26.62
C VAL A 466 -12.21 -5.94 27.63
N PRO A 467 -12.41 -6.67 28.72
CA PRO A 467 -13.42 -6.28 29.70
C PRO A 467 -12.93 -5.20 30.65
N GLY A 468 -13.88 -4.44 31.18
CA GLY A 468 -13.57 -3.34 32.06
C GLY A 468 -14.33 -2.08 31.72
N TYR A 469 -14.36 -1.12 32.64
CA TYR A 469 -15.14 0.10 32.44
C TYR A 469 -14.69 1.03 31.30
N PRO A 470 -13.39 1.20 30.96
CA PRO A 470 -13.09 2.09 29.81
C PRO A 470 -13.57 1.57 28.46
N SER A 471 -13.79 0.27 28.28
CA SER A 471 -14.30 -0.22 27.01
C SER A 471 -15.82 -0.29 26.98
N ARG A 472 -16.48 -0.34 28.12
CA ARG A 472 -17.94 -0.20 28.15
C ARG A 472 -18.36 1.22 27.79
N ALA A 473 -17.60 2.21 28.27
CA ALA A 473 -17.97 3.60 28.04
C ALA A 473 -17.69 4.05 26.61
N LEU A 474 -16.71 3.42 25.95
CA LEU A 474 -16.45 3.73 24.55
C LEU A 474 -17.53 3.16 23.65
N ALA A 475 -18.02 1.96 23.99
CA ALA A 475 -19.03 1.30 23.16
C ALA A 475 -20.39 1.97 23.29
N LEU A 476 -20.69 2.55 24.45
CA LEU A 476 -21.97 3.21 24.64
C LEU A 476 -21.98 4.64 24.14
N THR A 477 -20.82 5.25 23.91
CA THR A 477 -20.81 6.61 23.40
C THR A 477 -20.73 6.67 21.89
N LEU A 478 -20.26 5.62 21.22
CA LEU A 478 -20.33 5.60 19.77
C LEU A 478 -21.69 5.14 19.28
N SER A 479 -22.35 4.23 20.01
CA SER A 479 -23.68 3.78 19.64
C SER A 479 -24.77 4.71 20.12
N PHE A 480 -24.44 5.79 20.82
CA PHE A 480 -25.40 6.84 21.11
C PHE A 480 -25.40 7.91 20.03
N ILE A 481 -24.22 8.24 19.50
CA ILE A 481 -24.12 9.26 18.47
C ILE A 481 -24.74 8.78 17.17
N SER A 482 -24.62 7.48 16.88
CA SER A 482 -25.12 6.95 15.62
C SER A 482 -26.64 6.82 15.62
N THR A 483 -27.23 6.40 16.73
CA THR A 483 -28.69 6.28 16.76
C THR A 483 -29.38 7.63 16.95
N ALA A 484 -28.68 8.64 17.46
CA ALA A 484 -29.27 9.95 17.59
C ALA A 484 -29.27 10.74 16.30
N MET A 485 -28.48 10.32 15.31
CA MET A 485 -28.54 10.96 14.00
C MET A 485 -29.59 10.33 13.11
N VAL A 486 -29.84 9.03 13.26
CA VAL A 486 -30.91 8.38 12.54
C VAL A 486 -32.27 8.93 12.98
N CYS A 487 -32.40 9.26 14.27
CA CYS A 487 -33.64 9.84 14.77
C CYS A 487 -33.83 11.28 14.28
N VAL A 488 -32.74 12.00 14.06
CA VAL A 488 -32.84 13.31 13.42
C VAL A 488 -33.22 13.17 11.95
N LEU A 489 -32.60 12.22 11.26
CA LEU A 489 -32.89 12.00 9.84
C LEU A 489 -34.28 11.43 9.63
N PHE A 490 -34.82 10.70 10.60
CA PHE A 490 -36.14 10.11 10.44
C PHE A 490 -37.24 11.17 10.51
N VAL A 491 -37.04 12.19 11.35
CA VAL A 491 -38.07 13.22 11.50
C VAL A 491 -37.97 14.25 10.38
N SER A 492 -36.75 14.60 9.96
CA SER A 492 -36.60 15.58 8.90
C SER A 492 -36.89 15.00 7.52
N THR A 493 -36.97 13.68 7.38
CA THR A 493 -37.42 13.09 6.12
C THR A 493 -38.94 13.08 6.04
N LEU A 494 -39.61 12.91 7.19
CA LEU A 494 -41.06 12.99 7.21
C LEU A 494 -41.56 14.42 7.04
N LEU A 495 -40.76 15.41 7.45
CA LEU A 495 -41.17 16.80 7.27
C LEU A 495 -40.96 17.28 5.84
N HIS A 496 -39.86 16.86 5.20
CA HIS A 496 -39.64 17.22 3.81
C HIS A 496 -40.53 16.48 2.84
N ALA A 497 -41.14 15.37 3.24
CA ALA A 497 -41.98 14.61 2.33
C ALA A 497 -43.43 15.06 2.36
N PHE A 498 -43.98 15.30 3.55
CA PHE A 498 -45.43 15.46 3.72
C PHE A 498 -45.85 16.86 4.14
N VAL A 499 -44.97 17.62 4.78
CA VAL A 499 -45.29 18.96 5.25
C VAL A 499 -44.82 20.02 4.26
N TRP A 500 -43.61 19.88 3.73
CA TRP A 500 -43.08 20.82 2.77
C TRP A 500 -43.08 20.29 1.35
N GLN A 501 -43.11 18.96 1.18
CA GLN A 501 -43.14 18.26 -0.11
C GLN A 501 -41.97 18.68 -1.01
N THR A 502 -40.76 18.36 -0.55
CA THR A 502 -39.57 18.73 -1.31
C THR A 502 -38.48 17.66 -1.24
N LEU A 503 -38.86 16.38 -1.17
CA LEU A 503 -37.84 15.34 -1.27
C LEU A 503 -37.38 15.10 -2.69
N PHE A 504 -38.25 15.26 -3.68
CA PHE A 504 -37.95 14.86 -5.05
C PHE A 504 -38.09 16.08 -5.97
N PRO A 505 -37.05 16.89 -6.10
CA PRO A 505 -37.07 17.95 -7.12
C PRO A 505 -36.66 17.40 -8.47
N ASN A 506 -36.49 18.26 -9.46
CA ASN A 506 -36.00 17.82 -10.77
C ASN A 506 -34.56 17.37 -10.65
N ASP A 507 -34.27 16.17 -11.15
CA ASP A 507 -32.93 15.59 -11.06
C ASP A 507 -32.14 16.08 -12.27
N LEU A 508 -31.60 17.29 -12.13
CA LEU A 508 -31.00 17.98 -13.27
C LEU A 508 -29.62 17.47 -13.65
N ALA A 509 -29.00 16.63 -12.82
CA ALA A 509 -27.63 16.22 -13.10
C ALA A 509 -27.54 15.16 -14.20
N ILE A 510 -28.65 14.50 -14.54
CA ILE A 510 -28.61 13.48 -15.59
C ILE A 510 -28.93 14.04 -16.97
N ALA A 511 -29.40 15.28 -17.06
CA ALA A 511 -29.89 15.82 -18.32
C ALA A 511 -28.87 16.70 -19.03
N ILE A 512 -27.59 16.59 -18.69
CA ILE A 512 -26.58 17.46 -19.27
C ILE A 512 -26.31 17.06 -20.71
N THR A 513 -25.76 18.00 -21.47
CA THR A 513 -25.39 17.73 -22.86
C THR A 513 -24.06 17.00 -22.93
N LYS A 514 -23.84 16.33 -24.05
CA LYS A 514 -22.67 15.47 -24.19
C LYS A 514 -21.41 16.27 -24.49
N ARG A 515 -21.50 17.33 -25.28
CA ARG A 515 -20.32 17.89 -25.91
C ARG A 515 -19.90 19.25 -25.36
N LYS A 516 -20.77 20.26 -25.40
CA LYS A 516 -20.30 21.62 -25.22
C LYS A 516 -20.37 22.04 -23.77
N LEU A 517 -19.62 23.08 -23.44
CA LEU A 517 -19.66 23.66 -22.11
C LEU A 517 -20.69 24.79 -22.03
N ASN B 150 22.59 6.73 -26.45
CA ASN B 150 21.87 6.31 -25.24
C ASN B 150 20.50 6.98 -25.23
N VAL B 151 19.47 6.18 -25.48
CA VAL B 151 18.12 6.66 -25.75
C VAL B 151 17.37 6.80 -24.44
N SER B 152 16.66 7.90 -24.29
CA SER B 152 15.88 8.16 -23.08
C SER B 152 14.70 7.21 -22.97
N ALA B 153 14.14 7.12 -21.76
CA ALA B 153 13.03 6.21 -21.53
C ALA B 153 11.74 6.72 -22.14
N GLY B 154 11.54 8.04 -22.15
CA GLY B 154 10.36 8.61 -22.78
C GLY B 154 10.38 8.55 -24.30
N ARG B 155 11.56 8.37 -24.89
CA ARG B 155 11.66 8.24 -26.34
C ARG B 155 11.28 6.84 -26.82
N TYR B 156 11.49 5.82 -25.97
CA TYR B 156 11.02 4.49 -26.33
C TYR B 156 9.50 4.42 -26.34
N PHE B 157 8.83 5.10 -25.41
CA PHE B 157 7.37 5.11 -25.43
C PHE B 157 6.80 5.94 -26.56
N ALA B 158 7.53 6.94 -27.03
CA ALA B 158 7.05 7.80 -28.10
C ALA B 158 7.24 7.18 -29.49
N ALA B 159 8.26 6.35 -29.67
CA ALA B 159 8.61 5.84 -30.98
C ALA B 159 8.11 4.42 -31.24
N LEU B 160 7.76 3.68 -30.19
CA LEU B 160 7.43 2.27 -30.32
C LEU B 160 5.96 2.05 -29.97
N ARG B 161 5.44 0.91 -30.40
CA ARG B 161 4.02 0.65 -30.37
C ARG B 161 3.76 -0.83 -30.17
N GLY B 162 2.82 -1.19 -29.30
CA GLY B 162 2.46 -2.55 -28.97
C GLY B 162 2.36 -2.75 -27.49
N PRO B 163 1.81 -3.84 -26.95
CA PRO B 163 1.90 -4.13 -25.50
C PRO B 163 3.29 -4.45 -24.94
N GLU B 164 4.36 -4.58 -25.75
CA GLU B 164 5.69 -4.92 -25.40
C GLU B 164 6.66 -4.02 -26.06
N LEU B 165 6.27 -3.07 -26.87
CA LEU B 165 7.00 -2.08 -27.54
C LEU B 165 7.84 -2.69 -28.52
N ASP B 166 7.25 -3.35 -29.40
CA ASP B 166 8.01 -4.11 -30.27
C ASP B 166 7.90 -3.73 -31.70
N GLU B 167 6.99 -2.87 -32.04
CA GLU B 167 6.84 -2.38 -33.41
C GLU B 167 7.11 -0.88 -33.45
N VAL B 168 7.68 -0.44 -34.55
CA VAL B 168 7.90 0.99 -34.78
C VAL B 168 6.64 1.58 -35.40
N LYS B 169 6.39 2.85 -35.11
CA LYS B 169 5.20 3.51 -35.61
C LYS B 169 5.39 3.89 -37.08
N ASP B 170 4.30 4.34 -37.70
CA ASP B 170 4.26 4.54 -39.14
C ASP B 170 5.01 5.78 -39.61
N ASN B 171 5.44 6.67 -38.71
CA ASN B 171 6.10 7.90 -39.09
C ASN B 171 7.53 7.99 -38.55
N GLU B 172 8.10 6.88 -38.10
CA GLU B 172 9.42 6.85 -37.49
C GLU B 172 10.45 6.34 -38.48
N ASP B 173 11.63 6.95 -38.46
CA ASP B 173 12.76 6.48 -39.24
C ASP B 173 13.75 5.76 -38.33
N ILE B 174 14.42 4.76 -38.88
CA ILE B 174 15.31 3.89 -38.12
C ILE B 174 16.68 3.90 -38.78
N LEU B 175 17.66 3.35 -38.06
CA LEU B 175 19.08 3.45 -38.44
C LEU B 175 19.55 2.31 -39.34
N LEU B 176 18.75 1.27 -39.52
CA LEU B 176 19.12 0.07 -40.24
C LEU B 176 18.05 -0.24 -41.28
N PRO B 177 18.39 -0.96 -42.35
CA PRO B 177 17.39 -1.29 -43.37
C PRO B 177 16.30 -2.22 -42.85
N LYS B 178 15.14 -2.16 -43.51
CA LYS B 178 13.98 -2.93 -43.09
C LYS B 178 13.85 -4.25 -43.82
N GLU B 179 14.15 -4.29 -45.12
CA GLU B 179 13.86 -5.44 -45.96
C GLU B 179 15.04 -6.37 -46.14
N GLU B 180 16.26 -5.84 -46.13
CA GLU B 180 17.46 -6.66 -46.19
C GLU B 180 17.59 -7.47 -44.90
N GLN B 181 18.09 -8.70 -45.02
CA GLN B 181 18.21 -9.59 -43.88
C GLN B 181 19.46 -9.27 -43.08
N TRP B 182 19.30 -9.10 -41.77
CA TRP B 182 20.40 -8.73 -40.89
C TRP B 182 21.26 -9.95 -40.59
N PRO B 183 22.43 -9.76 -39.99
CA PRO B 183 23.13 -10.90 -39.37
C PRO B 183 22.33 -11.46 -38.20
N PHE B 184 22.55 -12.76 -37.94
CA PHE B 184 21.66 -13.51 -37.06
C PHE B 184 21.72 -13.04 -35.61
N LEU B 185 22.89 -12.57 -35.16
CA LEU B 185 23.01 -12.18 -33.77
C LEU B 185 22.37 -10.82 -33.47
N LEU B 186 21.91 -10.09 -34.49
CA LEU B 186 21.09 -8.90 -34.26
C LEU B 186 19.61 -9.20 -34.25
N ARG B 187 19.19 -10.32 -34.83
CA ARG B 187 17.80 -10.71 -34.90
C ARG B 187 17.39 -11.61 -33.74
N PHE B 188 18.23 -11.72 -32.72
CA PHE B 188 18.05 -12.66 -31.62
C PHE B 188 17.75 -11.89 -30.34
N PRO B 189 16.50 -11.72 -29.94
CA PRO B 189 16.19 -10.89 -28.77
C PRO B 189 16.52 -11.59 -27.47
N ILE B 190 16.41 -10.84 -26.37
CA ILE B 190 16.57 -11.40 -25.04
C ILE B 190 15.28 -11.99 -24.52
N GLY B 191 14.15 -11.68 -25.16
CA GLY B 191 12.86 -12.19 -24.75
C GLY B 191 12.67 -13.68 -24.95
N CYS B 192 13.60 -14.36 -25.60
CA CYS B 192 13.57 -15.81 -25.73
C CYS B 192 14.29 -16.53 -24.59
N PHE B 193 14.58 -15.82 -23.49
CA PHE B 193 14.71 -16.45 -22.19
C PHE B 193 13.35 -16.77 -21.58
N GLY B 194 12.25 -16.32 -22.18
CA GLY B 194 10.93 -16.73 -21.76
C GLY B 194 10.56 -18.14 -22.16
N ILE B 195 11.23 -18.69 -23.17
CA ILE B 195 11.08 -20.11 -23.50
C ILE B 195 11.63 -20.96 -22.36
N CYS B 196 12.69 -20.49 -21.72
CA CYS B 196 13.28 -21.21 -20.60
C CYS B 196 12.46 -21.06 -19.33
N LEU B 197 11.78 -19.92 -19.16
CA LEU B 197 10.88 -19.75 -18.02
C LEU B 197 9.65 -20.64 -18.14
N GLY B 198 9.15 -20.87 -19.35
CA GLY B 198 7.97 -21.70 -19.51
C GLY B 198 8.24 -23.18 -19.37
N LEU B 199 9.45 -23.63 -19.71
CA LEU B 199 9.80 -25.03 -19.60
C LEU B 199 10.29 -25.40 -18.20
N SER B 200 11.07 -24.54 -17.55
CA SER B 200 11.61 -24.89 -16.24
C SER B 200 10.58 -24.80 -15.14
N SER B 201 9.48 -24.08 -15.38
CA SER B 201 8.38 -24.03 -14.43
C SER B 201 7.46 -25.23 -14.55
N GLN B 202 7.48 -25.92 -15.69
CA GLN B 202 6.75 -27.17 -15.85
C GLN B 202 7.45 -28.35 -15.19
N ALA B 203 8.75 -28.24 -14.92
CA ALA B 203 9.45 -29.28 -14.19
C ALA B 203 9.19 -29.20 -12.69
N VAL B 204 8.83 -28.04 -12.18
CA VAL B 204 8.42 -27.90 -10.79
C VAL B 204 7.02 -28.48 -10.60
N LEU B 205 6.15 -28.33 -11.61
CA LEU B 205 4.77 -28.80 -11.50
C LEU B 205 4.69 -30.33 -11.55
N TRP B 206 5.37 -30.94 -12.50
CA TRP B 206 5.26 -32.39 -12.67
C TRP B 206 6.08 -33.18 -11.67
N LEU B 207 6.87 -32.53 -10.82
CA LEU B 207 7.39 -33.19 -9.64
C LEU B 207 6.44 -33.05 -8.46
N ALA B 208 5.69 -31.94 -8.40
CA ALA B 208 4.68 -31.78 -7.36
C ALA B 208 3.47 -32.67 -7.61
N LEU B 209 3.16 -32.97 -8.87
CA LEU B 209 2.06 -33.88 -9.16
C LEU B 209 2.40 -35.32 -8.84
N ALA B 210 3.68 -35.67 -8.77
CA ALA B 210 4.08 -37.05 -8.56
C ALA B 210 4.50 -37.35 -7.13
N LYS B 211 4.75 -36.33 -6.31
CA LYS B 211 5.32 -36.51 -4.97
C LYS B 211 4.45 -35.89 -3.89
N SER B 212 3.18 -35.66 -4.17
CA SER B 212 2.34 -35.04 -3.15
C SER B 212 1.23 -35.99 -2.75
N PRO B 213 0.84 -36.00 -1.47
CA PRO B 213 -0.25 -36.89 -1.03
C PRO B 213 -1.62 -36.46 -1.49
N ALA B 214 -1.77 -35.20 -1.94
CA ALA B 214 -3.06 -34.76 -2.47
C ALA B 214 -3.37 -35.35 -3.83
N THR B 215 -2.35 -35.68 -4.61
CA THR B 215 -2.53 -36.22 -5.96
C THR B 215 -1.99 -37.64 -6.09
N ASN B 216 -2.06 -38.41 -5.01
CA ASN B 216 -1.56 -39.79 -5.03
C ASN B 216 -2.45 -40.71 -5.85
N PHE B 217 -3.73 -40.40 -6.00
CA PHE B 217 -4.68 -41.27 -6.68
C PHE B 217 -4.48 -41.32 -8.19
N LEU B 218 -3.59 -40.49 -8.75
CA LEU B 218 -3.36 -40.47 -10.19
C LEU B 218 -2.24 -41.38 -10.64
N HIS B 219 -1.31 -41.70 -9.74
CA HIS B 219 -0.15 -42.58 -10.00
C HIS B 219 0.70 -42.08 -11.16
N ILE B 220 1.05 -40.81 -11.10
CA ILE B 220 1.85 -40.17 -12.14
C ILE B 220 3.31 -40.58 -11.97
N THR B 221 3.92 -41.05 -13.05
CA THR B 221 5.28 -41.53 -12.99
C THR B 221 6.26 -40.36 -12.83
N PRO B 222 7.34 -40.55 -12.09
CA PRO B 222 8.34 -39.48 -11.94
C PRO B 222 9.33 -39.36 -13.09
N LEU B 223 9.10 -40.04 -14.20
CA LEU B 223 9.89 -39.91 -15.42
C LEU B 223 9.40 -38.78 -16.31
N ILE B 224 8.30 -38.12 -15.95
CA ILE B 224 7.91 -36.91 -16.66
C ILE B 224 8.76 -35.75 -16.17
N ASN B 225 9.22 -35.80 -14.92
CA ASN B 225 10.14 -34.78 -14.43
C ASN B 225 11.52 -34.92 -15.05
N LEU B 226 11.97 -36.14 -15.36
CA LEU B 226 13.27 -36.33 -16.02
C LEU B 226 13.31 -35.68 -17.39
N VAL B 227 12.31 -35.94 -18.22
CA VAL B 227 12.37 -35.51 -19.60
C VAL B 227 12.11 -34.02 -19.73
N VAL B 228 11.45 -33.39 -18.76
CA VAL B 228 11.23 -31.95 -18.82
C VAL B 228 12.40 -31.19 -18.19
N TRP B 229 13.04 -31.75 -17.15
CA TRP B 229 14.19 -31.10 -16.54
C TRP B 229 15.39 -31.13 -17.47
N LEU B 230 15.60 -32.26 -18.16
CA LEU B 230 16.73 -32.38 -19.08
C LEU B 230 16.51 -31.59 -20.36
N PHE B 231 15.27 -31.46 -20.82
CA PHE B 231 15.00 -30.65 -22.00
C PHE B 231 15.05 -29.16 -21.70
N SER B 232 14.67 -28.75 -20.49
CA SER B 232 14.79 -27.35 -20.10
C SER B 232 16.23 -26.95 -19.84
N LEU B 233 17.12 -27.90 -19.62
CA LEU B 233 18.52 -27.64 -19.33
C LEU B 233 19.38 -27.59 -20.59
N VAL B 234 18.93 -28.22 -21.68
CA VAL B 234 19.60 -28.09 -22.97
C VAL B 234 19.21 -26.79 -23.65
N VAL B 235 17.95 -26.37 -23.48
CA VAL B 235 17.50 -25.10 -24.05
C VAL B 235 18.14 -23.92 -23.31
N LEU B 236 18.32 -24.05 -22.01
CA LEU B 236 18.94 -22.98 -21.21
C LEU B 236 20.41 -22.81 -21.57
N VAL B 237 21.13 -23.91 -21.80
CA VAL B 237 22.54 -23.79 -22.15
C VAL B 237 22.74 -23.43 -23.62
N SER B 238 21.68 -23.52 -24.43
CA SER B 238 21.73 -23.12 -25.83
C SER B 238 21.41 -21.64 -26.02
N VAL B 239 20.43 -21.12 -25.29
CA VAL B 239 20.08 -19.70 -25.37
C VAL B 239 21.16 -18.85 -24.73
N SER B 240 21.75 -19.34 -23.63
CA SER B 240 22.77 -18.57 -22.92
C SER B 240 24.08 -18.52 -23.67
N PHE B 241 24.40 -19.55 -24.44
CA PHE B 241 25.66 -19.53 -25.19
C PHE B 241 25.57 -18.60 -26.39
N THR B 242 24.45 -18.57 -27.10
CA THR B 242 24.31 -17.68 -28.24
C THR B 242 23.87 -16.27 -27.86
N TYR B 243 23.75 -15.96 -26.58
CA TYR B 243 23.60 -14.57 -26.16
C TYR B 243 24.90 -13.98 -25.66
N ILE B 244 25.83 -14.81 -25.18
CA ILE B 244 27.17 -14.35 -24.87
C ILE B 244 27.91 -13.97 -26.14
N LEU B 245 27.68 -14.69 -27.24
CA LEU B 245 28.25 -14.31 -28.52
C LEU B 245 27.64 -13.04 -29.09
N LYS B 246 26.43 -12.66 -28.64
CA LYS B 246 25.89 -11.36 -29.01
C LYS B 246 26.59 -10.24 -28.25
N CYS B 247 26.97 -10.50 -27.00
CA CYS B 247 27.69 -9.51 -26.21
C CYS B 247 29.13 -9.30 -26.67
N ILE B 248 29.73 -10.30 -27.30
CA ILE B 248 31.10 -10.17 -27.78
C ILE B 248 31.16 -9.36 -29.07
N PHE B 249 30.25 -9.62 -29.99
CA PHE B 249 30.35 -9.02 -31.32
C PHE B 249 29.44 -7.81 -31.51
N TYR B 250 28.31 -7.75 -30.80
CA TYR B 250 27.29 -6.73 -31.02
C TYR B 250 26.85 -6.11 -29.71
N PHE B 251 27.81 -5.65 -28.91
CA PHE B 251 27.50 -5.15 -27.57
C PHE B 251 26.75 -3.82 -27.60
N GLU B 252 26.76 -3.10 -28.73
CA GLU B 252 25.98 -1.88 -28.83
C GLU B 252 24.48 -2.15 -28.94
N ALA B 253 24.09 -3.33 -29.44
CA ALA B 253 22.69 -3.72 -29.47
C ALA B 253 22.21 -4.30 -28.14
N VAL B 254 23.13 -4.86 -27.35
CA VAL B 254 22.79 -5.33 -26.01
C VAL B 254 22.47 -4.16 -25.10
N LYS B 255 23.15 -3.03 -25.28
CA LYS B 255 22.88 -1.83 -24.49
C LYS B 255 21.55 -1.18 -24.86
N ARG B 256 21.15 -1.25 -26.13
CA ARG B 256 19.83 -0.77 -26.52
C ARG B 256 18.70 -1.57 -25.87
N GLU B 257 18.91 -2.86 -25.64
CA GLU B 257 17.95 -3.69 -24.94
C GLU B 257 17.95 -3.46 -23.43
N TYR B 258 19.09 -3.04 -22.88
CA TYR B 258 19.16 -2.82 -21.44
C TYR B 258 18.42 -1.57 -21.01
N PHE B 259 18.33 -0.56 -21.88
CA PHE B 259 17.63 0.66 -21.54
C PHE B 259 16.21 0.70 -22.10
N HIS B 260 15.80 -0.32 -22.84
CA HIS B 260 14.42 -0.48 -23.28
C HIS B 260 13.56 -0.79 -22.06
N PRO B 261 12.48 -0.04 -21.82
CA PRO B 261 11.77 -0.16 -20.52
C PRO B 261 11.07 -1.48 -20.28
N VAL B 262 10.79 -2.26 -21.32
CA VAL B 262 10.21 -3.59 -21.14
C VAL B 262 11.29 -4.65 -20.99
N ARG B 263 12.38 -4.52 -21.75
CA ARG B 263 13.40 -5.56 -21.81
C ARG B 263 14.46 -5.43 -20.72
N VAL B 264 14.33 -4.50 -19.77
CA VAL B 264 15.18 -4.50 -18.59
C VAL B 264 14.96 -5.78 -17.80
N ASN B 265 13.71 -6.19 -17.68
CA ASN B 265 13.27 -7.22 -16.77
C ASN B 265 13.63 -8.63 -17.23
N PHE B 266 14.05 -8.79 -18.47
CA PHE B 266 14.51 -10.07 -18.98
C PHE B 266 16.00 -10.27 -18.78
N PHE B 267 16.68 -9.34 -18.10
CA PHE B 267 18.02 -9.58 -17.59
C PHE B 267 18.00 -10.24 -16.22
N PHE B 268 16.88 -10.13 -15.49
CA PHE B 268 16.65 -10.93 -14.29
C PHE B 268 16.30 -12.36 -14.62
N ALA B 269 15.71 -12.59 -15.79
CA ALA B 269 15.19 -13.90 -16.18
C ALA B 269 16.18 -15.07 -16.27
N PRO B 270 17.45 -14.93 -16.70
CA PRO B 270 18.32 -16.12 -16.70
C PRO B 270 18.63 -16.70 -15.33
N TRP B 271 18.52 -15.92 -14.26
CA TRP B 271 18.87 -16.38 -12.93
C TRP B 271 17.67 -16.92 -12.16
N VAL B 272 16.45 -16.65 -12.64
CA VAL B 272 15.25 -17.27 -12.11
C VAL B 272 15.08 -18.67 -12.68
N VAL B 273 15.52 -18.88 -13.92
CA VAL B 273 15.49 -20.21 -14.53
C VAL B 273 16.45 -21.15 -13.81
N CYS B 274 17.59 -20.63 -13.35
CA CYS B 274 18.57 -21.46 -12.67
C CYS B 274 18.10 -21.87 -11.28
N MET B 275 17.20 -21.10 -10.68
CA MET B 275 16.65 -21.45 -9.37
C MET B 275 15.45 -22.37 -9.49
N PHE B 276 14.72 -22.35 -10.61
CA PHE B 276 13.69 -23.34 -10.87
C PHE B 276 14.26 -24.72 -11.14
N LEU B 277 15.44 -24.80 -11.75
CA LEU B 277 16.04 -26.10 -11.99
C LEU B 277 16.70 -26.68 -10.75
N ALA B 278 16.89 -25.88 -9.70
CA ALA B 278 17.56 -26.32 -8.48
C ALA B 278 16.59 -26.76 -7.40
N ILE B 279 15.39 -26.20 -7.35
CA ILE B 279 14.36 -26.65 -6.42
C ILE B 279 13.54 -27.79 -6.96
N SER B 280 13.89 -28.33 -8.13
CA SER B 280 13.11 -29.36 -8.78
C SER B 280 13.99 -30.42 -9.42
N VAL B 281 15.14 -30.71 -8.83
CA VAL B 281 16.06 -31.72 -9.38
C VAL B 281 15.42 -33.11 -9.28
N PRO B 282 15.61 -33.98 -10.26
CA PRO B 282 15.03 -35.31 -10.19
C PRO B 282 15.66 -36.13 -9.08
N PRO B 283 14.85 -36.89 -8.34
CA PRO B 283 15.40 -37.73 -7.26
C PRO B 283 16.25 -38.89 -7.76
N MET B 284 16.23 -39.19 -9.05
CA MET B 284 17.19 -40.13 -9.61
C MET B 284 18.61 -39.59 -9.55
N PHE B 285 18.78 -38.27 -9.75
CA PHE B 285 20.12 -37.70 -9.73
C PHE B 285 20.55 -37.34 -8.32
N SER B 286 19.63 -36.85 -7.49
CA SER B 286 19.93 -36.36 -6.15
C SER B 286 19.15 -37.13 -5.09
N PRO B 287 19.62 -38.32 -4.69
CA PRO B 287 19.02 -39.00 -3.54
C PRO B 287 19.83 -38.72 -2.27
N ASN B 288 19.26 -39.18 -1.14
CA ASN B 288 19.93 -39.24 0.17
C ASN B 288 20.42 -37.88 0.65
N ARG B 289 19.59 -36.86 0.48
CA ARG B 289 19.98 -35.50 0.85
C ARG B 289 18.86 -34.83 1.62
N LYS B 290 19.20 -34.25 2.77
CA LYS B 290 18.25 -33.40 3.48
C LYS B 290 18.34 -31.97 2.97
N TYR B 291 19.55 -31.46 2.77
CA TYR B 291 19.81 -30.08 2.38
C TYR B 291 20.71 -30.04 1.16
N LEU B 292 20.46 -29.08 0.28
CA LEU B 292 21.40 -28.76 -0.78
C LEU B 292 22.60 -28.02 -0.21
N HIS B 293 23.65 -27.92 -1.01
CA HIS B 293 24.82 -27.19 -0.53
C HIS B 293 24.58 -25.68 -0.66
N PRO B 294 25.03 -24.88 0.32
CA PRO B 294 24.75 -23.44 0.27
C PRO B 294 25.45 -22.67 -0.83
N ALA B 295 26.47 -23.24 -1.48
CA ALA B 295 27.11 -22.58 -2.60
C ALA B 295 26.24 -22.59 -3.85
N ILE B 296 25.24 -23.47 -3.91
CA ILE B 296 24.27 -23.43 -5.00
C ILE B 296 23.43 -22.16 -4.91
N TRP B 297 23.16 -21.69 -3.69
CA TRP B 297 22.39 -20.47 -3.51
C TRP B 297 23.22 -19.24 -3.88
N CYS B 298 24.49 -19.23 -3.50
CA CYS B 298 25.32 -18.03 -3.62
C CYS B 298 25.76 -17.76 -5.05
N VAL B 299 25.73 -18.76 -5.92
CA VAL B 299 26.12 -18.57 -7.31
C VAL B 299 24.95 -18.08 -8.17
N PHE B 300 23.72 -18.46 -7.83
CA PHE B 300 22.54 -18.10 -8.62
C PHE B 300 21.83 -16.85 -8.10
N MET B 301 21.78 -16.66 -6.78
CA MET B 301 21.16 -15.50 -6.17
C MET B 301 22.16 -14.36 -5.97
N GLY B 302 23.44 -14.61 -6.18
CA GLY B 302 24.47 -13.60 -6.14
C GLY B 302 24.31 -12.50 -7.18
N PRO B 303 24.32 -12.84 -8.48
CA PRO B 303 24.06 -11.82 -9.50
C PRO B 303 22.62 -11.36 -9.58
N TYR B 304 21.67 -12.06 -8.99
CA TYR B 304 20.32 -11.52 -8.93
C TYR B 304 20.23 -10.38 -7.93
N PHE B 305 20.91 -10.52 -6.79
CA PHE B 305 20.81 -9.54 -5.73
C PHE B 305 21.64 -8.29 -6.02
N PHE B 306 22.75 -8.46 -6.76
CA PHE B 306 23.56 -7.31 -7.14
C PHE B 306 22.84 -6.42 -8.14
N LEU B 307 22.15 -7.02 -9.10
CA LEU B 307 21.42 -6.25 -10.10
C LEU B 307 20.15 -5.67 -9.53
N GLU B 308 19.65 -6.23 -8.44
CA GLU B 308 18.47 -5.77 -7.73
C GLU B 308 18.73 -4.50 -6.93
N LEU B 309 19.93 -4.39 -6.32
CA LEU B 309 20.32 -3.18 -5.61
C LEU B 309 20.47 -2.00 -6.55
N LYS B 310 20.92 -2.24 -7.79
CA LYS B 310 21.10 -1.15 -8.73
C LYS B 310 19.77 -0.63 -9.25
N ILE B 311 18.82 -1.52 -9.51
CA ILE B 311 17.55 -1.12 -10.11
C ILE B 311 16.61 -0.52 -9.06
N TYR B 312 16.57 -1.11 -7.86
CA TYR B 312 15.67 -0.59 -6.83
C TYR B 312 16.15 0.74 -6.29
N GLY B 313 17.46 0.98 -6.31
CA GLY B 313 17.98 2.28 -5.92
C GLY B 313 17.64 3.38 -6.90
N GLN B 314 17.47 3.02 -8.17
CA GLN B 314 17.02 3.97 -9.18
C GLN B 314 15.53 4.24 -9.11
N TRP B 315 14.74 3.32 -8.57
CA TRP B 315 13.31 3.54 -8.48
C TRP B 315 12.95 4.60 -7.45
N LEU B 316 13.60 4.58 -6.29
CA LEU B 316 13.21 5.53 -5.24
C LEU B 316 13.93 6.86 -5.35
N SER B 317 14.94 6.99 -6.20
CA SER B 317 15.63 8.25 -6.36
C SER B 317 14.84 9.12 -7.35
N GLY B 318 15.39 10.26 -7.73
CA GLY B 318 14.62 11.20 -8.50
C GLY B 318 15.13 11.53 -9.89
N GLY B 319 15.90 10.65 -10.52
CA GLY B 319 16.36 10.99 -11.85
C GLY B 319 16.15 9.99 -12.97
N LYS B 320 15.22 10.32 -13.88
CA LYS B 320 15.11 9.88 -15.26
C LYS B 320 14.83 8.40 -15.51
N ARG B 321 14.85 7.56 -14.48
CA ARG B 321 14.51 6.15 -14.63
C ARG B 321 13.85 5.66 -13.35
N ARG B 322 13.25 6.60 -12.62
CA ARG B 322 12.45 6.25 -11.47
C ARG B 322 11.16 5.56 -11.93
N LEU B 323 10.51 4.88 -10.99
CA LEU B 323 9.48 3.91 -11.32
C LEU B 323 8.25 4.53 -11.96
N CYS B 324 7.94 5.79 -11.68
CA CYS B 324 6.79 6.44 -12.29
C CYS B 324 7.00 6.76 -13.76
N LYS B 325 8.20 6.59 -14.29
CA LYS B 325 8.52 6.87 -15.68
C LYS B 325 8.79 5.62 -16.49
N VAL B 326 8.81 4.44 -15.87
CA VAL B 326 9.33 3.25 -16.52
C VAL B 326 8.37 2.07 -16.33
N ALA B 327 7.34 2.24 -15.51
CA ALA B 327 6.52 1.10 -15.06
C ALA B 327 5.63 0.55 -16.17
N ASN B 328 5.40 -0.76 -16.11
CA ASN B 328 4.65 -1.57 -17.06
C ASN B 328 4.34 -2.91 -16.39
N PRO B 329 3.50 -3.79 -16.94
CA PRO B 329 3.26 -5.09 -16.28
C PRO B 329 4.46 -6.02 -16.20
N SER B 330 5.48 -5.85 -17.04
CA SER B 330 6.65 -6.70 -16.99
C SER B 330 7.59 -6.35 -15.85
N SER B 331 7.33 -5.27 -15.11
CA SER B 331 8.12 -4.90 -13.95
C SER B 331 7.92 -5.83 -12.76
N HIS B 332 6.91 -6.69 -12.79
CA HIS B 332 6.74 -7.72 -11.77
C HIS B 332 7.79 -8.81 -11.86
N LEU B 333 8.48 -8.93 -12.99
CA LEU B 333 9.52 -9.92 -13.17
C LEU B 333 10.81 -9.56 -12.42
N SER B 334 10.92 -8.31 -11.97
CA SER B 334 12.02 -7.86 -11.13
C SER B 334 11.77 -8.13 -9.65
N VAL B 335 10.61 -8.69 -9.28
CA VAL B 335 10.21 -8.83 -7.90
C VAL B 335 10.10 -10.31 -7.55
N VAL B 336 9.76 -11.13 -8.54
CA VAL B 336 9.39 -12.52 -8.29
C VAL B 336 10.59 -13.40 -7.94
N GLY B 337 11.81 -12.99 -8.29
CA GLY B 337 12.97 -13.78 -7.93
C GLY B 337 13.37 -13.68 -6.47
N ASN B 338 12.79 -12.75 -5.73
CA ASN B 338 12.96 -12.71 -4.29
C ASN B 338 12.22 -13.85 -3.61
N PHE B 339 11.13 -14.32 -4.20
CA PHE B 339 10.37 -15.41 -3.62
C PHE B 339 10.84 -16.77 -4.09
N VAL B 340 11.37 -16.85 -5.30
CA VAL B 340 11.98 -18.10 -5.77
C VAL B 340 13.32 -18.31 -5.06
N GLY B 341 14.02 -17.21 -4.74
CA GLY B 341 15.25 -17.30 -3.99
C GLY B 341 15.06 -17.53 -2.51
N ALA B 342 13.85 -17.36 -1.99
CA ALA B 342 13.56 -17.67 -0.60
C ALA B 342 13.19 -19.14 -0.43
N ILE B 343 12.66 -19.78 -1.47
CA ILE B 343 12.42 -21.21 -1.44
C ILE B 343 13.74 -21.97 -1.49
N LEU B 344 14.69 -21.48 -2.28
CA LEU B 344 15.96 -22.15 -2.45
C LEU B 344 16.92 -21.86 -1.30
N ALA B 345 16.70 -20.77 -0.56
CA ALA B 345 17.48 -20.53 0.66
C ALA B 345 17.02 -21.40 1.81
N SER B 346 15.74 -21.77 1.85
CA SER B 346 15.27 -22.67 2.90
C SER B 346 15.79 -24.08 2.68
N LYS B 347 15.98 -24.48 1.44
CA LYS B 347 16.37 -25.85 1.14
C LYS B 347 17.88 -26.04 1.09
N VAL B 348 18.66 -25.02 1.45
CA VAL B 348 20.06 -25.19 1.77
C VAL B 348 20.31 -25.09 3.27
N GLY B 349 19.27 -24.77 4.05
CA GLY B 349 19.37 -24.72 5.50
C GLY B 349 19.44 -23.34 6.10
N TRP B 350 19.10 -22.29 5.35
CA TRP B 350 19.24 -20.91 5.80
C TRP B 350 17.86 -20.26 5.86
N ASP B 351 17.17 -20.43 6.99
CA ASP B 351 15.81 -19.91 7.14
C ASP B 351 15.75 -18.44 7.50
N GLU B 352 16.85 -17.83 7.94
CA GLU B 352 16.83 -16.41 8.23
C GLU B 352 17.15 -15.55 7.02
N VAL B 353 17.92 -16.10 6.07
CA VAL B 353 18.11 -15.42 4.79
C VAL B 353 16.84 -15.52 3.95
N ALA B 354 16.07 -16.58 4.15
CA ALA B 354 14.80 -16.73 3.44
C ALA B 354 13.76 -15.75 3.96
N LYS B 355 13.79 -15.43 5.25
CA LYS B 355 12.89 -14.43 5.81
C LYS B 355 13.30 -13.02 5.40
N PHE B 356 14.58 -12.81 5.11
CA PHE B 356 15.05 -11.53 4.60
C PHE B 356 14.56 -11.30 3.18
N LEU B 357 14.56 -12.34 2.35
CA LEU B 357 14.16 -12.23 0.96
C LEU B 357 12.66 -12.18 0.77
N TRP B 358 11.88 -12.70 1.72
CA TRP B 358 10.43 -12.56 1.64
C TRP B 358 10.02 -11.11 1.90
N ALA B 359 10.73 -10.42 2.79
CA ALA B 359 10.34 -9.07 3.20
C ALA B 359 10.74 -8.01 2.19
N VAL B 360 11.84 -8.21 1.47
CA VAL B 360 12.20 -7.27 0.42
C VAL B 360 11.33 -7.49 -0.82
N GLY B 361 10.90 -8.72 -1.07
CA GLY B 361 9.97 -8.96 -2.16
C GLY B 361 8.56 -8.52 -1.86
N PHE B 362 8.18 -8.52 -0.58
CA PHE B 362 6.84 -8.11 -0.19
C PHE B 362 6.67 -6.59 -0.27
N ALA B 363 7.69 -5.85 0.14
CA ALA B 363 7.61 -4.39 0.14
C ALA B 363 7.62 -3.82 -1.27
N HIS B 364 8.38 -4.43 -2.17
CA HIS B 364 8.44 -3.97 -3.55
C HIS B 364 7.31 -4.51 -4.40
N TYR B 365 6.62 -5.56 -3.95
CA TYR B 365 5.39 -5.95 -4.65
C TYR B 365 4.29 -4.92 -4.43
N LEU B 366 4.19 -4.37 -3.22
CA LEU B 366 3.15 -3.39 -2.93
C LEU B 366 3.36 -2.08 -3.66
N VAL B 367 4.61 -1.73 -3.96
CA VAL B 367 4.87 -0.48 -4.67
C VAL B 367 4.47 -0.62 -6.14
N VAL B 368 4.82 -1.75 -6.76
CA VAL B 368 4.54 -1.95 -8.18
C VAL B 368 3.05 -2.23 -8.42
N PHE B 369 2.39 -2.87 -7.46
CA PHE B 369 0.97 -3.18 -7.60
C PHE B 369 0.12 -1.92 -7.52
N VAL B 370 0.48 -0.97 -6.67
CA VAL B 370 -0.31 0.24 -6.50
C VAL B 370 -0.01 1.25 -7.60
N THR B 371 1.26 1.34 -8.04
CA THR B 371 1.64 2.34 -9.04
C THR B 371 1.08 2.05 -10.42
N LEU B 372 0.65 0.83 -10.71
CA LEU B 372 0.06 0.52 -12.01
C LEU B 372 -1.40 0.90 -12.10
N TYR B 373 -2.02 1.34 -11.02
CA TYR B 373 -3.40 1.81 -11.00
C TYR B 373 -3.51 3.32 -11.21
N GLN B 374 -2.44 3.98 -11.64
CA GLN B 374 -2.34 5.43 -11.52
C GLN B 374 -1.83 6.04 -12.82
N ARG B 375 -1.84 7.37 -12.84
CA ARG B 375 -1.69 8.17 -14.05
C ARG B 375 -0.21 8.45 -14.28
N LEU B 376 0.39 7.69 -15.17
CA LEU B 376 1.82 7.76 -15.46
C LEU B 376 2.01 7.52 -16.94
N PRO B 377 3.14 8.04 -17.54
CA PRO B 377 3.22 8.12 -19.02
C PRO B 377 3.33 6.82 -19.80
N THR B 378 3.19 5.67 -19.14
CA THR B 378 3.04 4.40 -19.85
C THR B 378 1.68 4.39 -20.56
N SER B 379 1.69 4.51 -21.88
CA SER B 379 0.47 4.74 -22.65
C SER B 379 0.07 3.53 -23.48
N GLU B 380 0.95 3.04 -24.35
CA GLU B 380 0.61 1.94 -25.24
C GLU B 380 0.89 0.57 -24.62
N ALA B 381 1.80 0.52 -23.63
CA ALA B 381 2.13 -0.74 -22.97
C ALA B 381 1.07 -1.17 -21.96
N LEU B 382 -0.01 -0.42 -21.79
CA LEU B 382 -1.11 -0.81 -20.93
C LEU B 382 -2.36 -0.89 -21.80
N PRO B 383 -2.78 -2.09 -22.21
CA PRO B 383 -3.88 -2.20 -23.19
C PRO B 383 -5.23 -1.80 -22.61
N LYS B 384 -6.14 -1.44 -23.53
CA LYS B 384 -7.44 -0.87 -23.16
C LYS B 384 -8.37 -1.89 -22.54
N GLU B 385 -8.12 -3.18 -22.75
CA GLU B 385 -8.95 -4.23 -22.18
C GLU B 385 -8.03 -5.38 -21.78
N LEU B 386 -8.62 -6.47 -21.30
CA LEU B 386 -7.85 -7.54 -20.68
C LEU B 386 -7.06 -8.35 -21.70
N HIS B 387 -5.76 -8.10 -21.73
CA HIS B 387 -4.80 -8.75 -22.60
C HIS B 387 -4.12 -9.87 -21.82
N PRO B 388 -3.51 -10.85 -22.49
CA PRO B 388 -2.71 -11.86 -21.77
C PRO B 388 -1.46 -11.32 -21.07
N VAL B 389 -1.07 -10.06 -21.29
CA VAL B 389 0.09 -9.51 -20.60
C VAL B 389 -0.20 -9.27 -19.12
N TYR B 390 -1.46 -9.25 -18.71
CA TYR B 390 -1.83 -9.03 -17.32
C TYR B 390 -1.68 -10.27 -16.46
N SER B 391 -1.18 -11.38 -17.01
CA SER B 391 -0.88 -12.56 -16.23
C SER B 391 0.35 -12.38 -15.35
N MET B 392 1.15 -11.35 -15.59
CA MET B 392 2.32 -11.08 -14.77
C MET B 392 1.95 -10.65 -13.35
N PHE B 393 0.71 -10.21 -13.13
CA PHE B 393 0.21 -9.91 -11.80
C PHE B 393 0.06 -11.16 -10.94
N ILE B 394 -0.11 -12.34 -11.56
CA ILE B 394 -0.38 -13.57 -10.83
C ILE B 394 0.90 -14.17 -10.22
N ALA B 395 2.08 -13.85 -10.78
CA ALA B 395 3.30 -14.58 -10.47
C ALA B 395 3.79 -14.34 -9.05
N ALA B 396 3.79 -13.10 -8.59
CA ALA B 396 4.36 -12.79 -7.28
C ALA B 396 3.49 -13.18 -6.08
N PRO B 397 2.15 -13.07 -6.08
CA PRO B 397 1.39 -13.67 -4.97
C PRO B 397 1.37 -15.19 -4.98
N SER B 398 1.58 -15.82 -6.13
CA SER B 398 1.65 -17.28 -6.17
C SER B 398 2.93 -17.79 -5.53
N ALA B 399 4.05 -17.17 -5.85
CA ALA B 399 5.33 -17.57 -5.28
C ALA B 399 5.50 -17.12 -3.84
N ALA B 400 4.78 -16.09 -3.40
CA ALA B 400 4.86 -15.66 -2.01
C ALA B 400 4.16 -16.62 -1.07
N SER B 401 3.14 -17.32 -1.54
CA SER B 401 2.43 -18.27 -0.69
C SER B 401 3.14 -19.61 -0.62
N ILE B 402 3.87 -19.98 -1.68
CA ILE B 402 4.69 -21.18 -1.64
C ILE B 402 5.90 -20.95 -0.74
N ALA B 403 6.45 -19.74 -0.75
CA ALA B 403 7.65 -19.45 0.01
C ALA B 403 7.38 -19.37 1.51
N TRP B 404 6.24 -18.80 1.90
CA TRP B 404 5.88 -18.72 3.30
C TRP B 404 5.55 -20.09 3.89
N ASN B 405 5.09 -21.01 3.05
CA ASN B 405 4.81 -22.37 3.50
C ASN B 405 6.08 -23.18 3.73
N THR B 406 7.12 -22.97 2.93
CA THR B 406 8.35 -23.73 3.15
C THR B 406 9.15 -23.19 4.33
N ILE B 407 9.01 -21.90 4.66
CA ILE B 407 9.72 -21.34 5.79
C ILE B 407 9.09 -21.79 7.11
N TYR B 408 7.77 -21.66 7.23
CA TYR B 408 7.09 -21.89 8.50
C TYR B 408 6.44 -23.26 8.61
N GLY B 409 6.33 -24.00 7.52
CA GLY B 409 5.84 -25.36 7.59
C GLY B 409 4.34 -25.51 7.66
N GLN B 410 3.59 -24.44 7.42
CA GLN B 410 2.14 -24.48 7.52
C GLN B 410 1.54 -23.46 6.56
N PHE B 411 0.35 -23.77 6.06
CA PHE B 411 -0.33 -22.94 5.08
C PHE B 411 -1.34 -22.05 5.80
N ASP B 412 -0.81 -21.12 6.59
CA ASP B 412 -1.59 -20.38 7.57
C ASP B 412 -2.33 -19.21 6.92
N GLY B 413 -2.84 -18.29 7.75
CA GLY B 413 -3.66 -17.19 7.28
C GLY B 413 -2.92 -16.12 6.53
N CYS B 414 -1.59 -16.06 6.65
CA CYS B 414 -0.82 -15.17 5.80
C CYS B 414 -0.58 -15.80 4.42
N SER B 415 -0.41 -17.12 4.38
CA SER B 415 -0.18 -17.81 3.12
C SER B 415 -1.46 -17.95 2.30
N ARG B 416 -2.62 -18.02 2.96
CA ARG B 416 -3.90 -18.09 2.26
C ARG B 416 -4.32 -16.76 1.67
N THR B 417 -3.94 -15.64 2.30
CA THR B 417 -4.30 -14.33 1.77
C THR B 417 -3.56 -14.05 0.48
N CYS B 418 -2.31 -14.50 0.38
CA CYS B 418 -1.55 -14.34 -0.85
C CYS B 418 -2.07 -15.25 -1.96
N PHE B 419 -2.48 -16.47 -1.60
CA PHE B 419 -3.00 -17.41 -2.58
C PHE B 419 -4.36 -16.98 -3.13
N PHE B 420 -5.19 -16.38 -2.30
CA PHE B 420 -6.52 -15.98 -2.73
C PHE B 420 -6.54 -14.69 -3.51
N ILE B 421 -5.48 -13.88 -3.43
CA ILE B 421 -5.34 -12.74 -4.32
C ILE B 421 -4.96 -13.20 -5.72
N ALA B 422 -4.05 -14.18 -5.81
CA ALA B 422 -3.64 -14.73 -7.10
C ALA B 422 -4.76 -15.51 -7.78
N LEU B 423 -5.67 -16.11 -7.00
CA LEU B 423 -6.77 -16.87 -7.57
C LEU B 423 -7.87 -15.96 -8.12
N PHE B 424 -8.07 -14.78 -7.53
CA PHE B 424 -9.02 -13.82 -8.08
C PHE B 424 -8.54 -13.25 -9.39
N LEU B 425 -7.26 -12.89 -9.46
CA LEU B 425 -6.66 -12.40 -10.70
C LEU B 425 -6.62 -13.48 -11.78
N TYR B 426 -6.56 -14.74 -11.39
CA TYR B 426 -6.61 -15.83 -12.36
C TYR B 426 -8.01 -15.95 -12.96
N ILE B 427 -9.04 -15.89 -12.12
CA ILE B 427 -10.42 -16.03 -12.58
C ILE B 427 -10.83 -14.83 -13.44
N SER B 428 -10.45 -13.63 -13.06
CA SER B 428 -10.84 -12.45 -13.82
C SER B 428 -10.02 -12.24 -15.08
N LEU B 429 -9.22 -13.20 -15.50
CA LEU B 429 -8.40 -13.12 -16.69
C LEU B 429 -8.60 -14.31 -17.62
N VAL B 430 -8.79 -15.52 -17.08
CA VAL B 430 -8.94 -16.71 -17.90
C VAL B 430 -10.41 -17.12 -18.09
N ALA B 431 -11.31 -16.67 -17.23
CA ALA B 431 -12.72 -17.06 -17.33
C ALA B 431 -13.49 -16.07 -18.19
N ARG B 432 -13.04 -15.97 -19.44
CA ARG B 432 -13.68 -15.18 -20.47
C ARG B 432 -13.73 -16.02 -21.74
N ILE B 433 -14.34 -15.47 -22.79
CA ILE B 433 -14.40 -16.18 -24.05
C ILE B 433 -13.35 -15.67 -25.04
N ASN B 434 -12.87 -14.43 -24.87
CA ASN B 434 -11.85 -13.87 -25.74
C ASN B 434 -10.44 -14.22 -25.31
N PHE B 435 -10.28 -14.92 -24.19
CA PHE B 435 -8.95 -15.40 -23.82
C PHE B 435 -8.53 -16.58 -24.68
N PHE B 436 -9.50 -17.37 -25.13
CA PHE B 436 -9.26 -18.60 -25.87
C PHE B 436 -9.36 -18.37 -27.38
N THR B 437 -10.31 -17.55 -27.82
CA THR B 437 -10.47 -17.27 -29.24
C THR B 437 -9.54 -16.17 -29.73
N GLY B 438 -9.02 -15.34 -28.83
CA GLY B 438 -8.06 -14.34 -29.21
C GLY B 438 -6.63 -14.80 -29.04
N PHE B 439 -6.25 -15.89 -29.71
CA PHE B 439 -4.90 -16.42 -29.63
C PHE B 439 -4.15 -16.09 -30.93
N LYS B 440 -3.06 -15.35 -30.79
CA LYS B 440 -2.13 -15.10 -31.88
C LYS B 440 -0.74 -15.45 -31.38
N PHE B 441 0.09 -16.21 -32.06
CA PHE B 441 1.37 -16.62 -31.56
C PHE B 441 2.42 -15.58 -31.55
N SER B 442 3.22 -15.51 -30.53
CA SER B 442 4.31 -14.75 -30.46
C SER B 442 5.22 -15.50 -29.52
N VAL B 443 6.46 -15.18 -29.47
CA VAL B 443 7.34 -15.72 -28.51
C VAL B 443 7.10 -15.11 -27.18
N ALA B 444 6.48 -13.98 -27.01
CA ALA B 444 6.11 -13.46 -25.70
C ALA B 444 5.01 -14.26 -25.00
N TRP B 445 4.35 -15.19 -25.71
CA TRP B 445 3.39 -16.09 -25.06
C TRP B 445 4.04 -17.07 -24.12
N TRP B 446 5.33 -17.40 -24.31
CA TRP B 446 6.01 -18.30 -23.40
C TRP B 446 6.18 -17.68 -22.03
N SER B 447 6.27 -16.48 -21.86
CA SER B 447 6.39 -15.84 -20.65
C SER B 447 5.09 -15.53 -19.97
N TYR B 448 3.92 -15.80 -20.49
CA TYR B 448 2.64 -15.62 -19.97
C TYR B 448 2.10 -16.95 -19.52
N THR B 449 2.78 -18.04 -19.68
CA THR B 449 2.47 -19.32 -19.35
C THR B 449 3.10 -19.51 -18.10
N PHE B 450 4.31 -19.05 -17.90
CA PHE B 450 5.01 -19.12 -16.62
C PHE B 450 4.22 -18.73 -15.38
N PRO B 451 3.49 -17.61 -15.29
CA PRO B 451 2.79 -17.31 -14.03
C PRO B 451 1.50 -18.09 -13.83
N MET B 452 1.02 -18.79 -14.85
CA MET B 452 -0.13 -19.66 -14.72
C MET B 452 0.24 -21.08 -14.32
N THR B 453 1.51 -21.44 -14.45
CA THR B 453 2.05 -22.69 -13.94
C THR B 453 2.44 -22.57 -12.48
N THR B 454 2.91 -21.38 -12.07
CA THR B 454 3.24 -21.13 -10.67
C THR B 454 1.98 -21.13 -9.81
N ALA B 455 0.86 -20.68 -10.37
CA ALA B 455 -0.41 -20.71 -9.67
C ALA B 455 -0.98 -22.11 -9.53
N SER B 456 -0.56 -23.04 -10.40
CA SER B 456 -0.93 -24.44 -10.28
C SER B 456 -0.15 -25.14 -9.19
N VAL B 457 1.09 -24.69 -8.93
CA VAL B 457 1.89 -25.27 -7.86
C VAL B 457 1.36 -24.84 -6.50
N ALA B 458 0.80 -23.63 -6.41
CA ALA B 458 0.30 -23.13 -5.14
C ALA B 458 -1.05 -23.73 -4.78
N THR B 459 -1.81 -24.22 -5.76
CA THR B 459 -3.08 -24.85 -5.46
C THR B 459 -2.96 -26.34 -5.23
N ILE B 460 -1.79 -26.94 -5.48
CA ILE B 460 -1.51 -28.29 -5.00
C ILE B 460 -1.18 -28.26 -3.51
N LYS B 461 -0.46 -27.24 -3.07
CA LYS B 461 -0.13 -27.11 -1.67
C LYS B 461 -1.30 -26.61 -0.83
N TYR B 462 -2.27 -25.95 -1.44
CA TYR B 462 -3.52 -25.65 -0.77
C TYR B 462 -4.40 -26.89 -0.63
N ALA B 463 -4.31 -27.82 -1.58
CA ALA B 463 -5.09 -29.04 -1.51
C ALA B 463 -4.57 -30.02 -0.46
N GLU B 464 -3.37 -29.79 0.06
CA GLU B 464 -2.81 -30.60 1.13
C GLU B 464 -3.23 -30.09 2.51
N ALA B 465 -3.39 -28.77 2.66
CA ALA B 465 -3.83 -28.20 3.92
C ALA B 465 -5.33 -28.35 4.12
N VAL B 466 -6.10 -28.27 3.04
CA VAL B 466 -7.55 -28.40 3.09
C VAL B 466 -7.93 -29.65 2.30
N PRO B 467 -8.09 -30.80 2.94
CA PRO B 467 -8.43 -32.02 2.20
C PRO B 467 -9.92 -32.11 1.89
N GLY B 468 -10.22 -32.84 0.83
CA GLY B 468 -11.60 -32.99 0.38
C GLY B 468 -11.73 -32.81 -1.11
N TYR B 469 -12.87 -33.23 -1.67
CA TYR B 469 -13.06 -33.18 -3.12
C TYR B 469 -13.12 -31.78 -3.76
N PRO B 470 -13.64 -30.71 -3.15
CA PRO B 470 -13.58 -29.41 -3.85
C PRO B 470 -12.19 -28.83 -4.04
N SER B 471 -11.20 -29.23 -3.24
CA SER B 471 -9.85 -28.73 -3.44
C SER B 471 -9.02 -29.63 -4.35
N ARG B 472 -9.39 -30.89 -4.51
CA ARG B 472 -8.76 -31.74 -5.51
C ARG B 472 -9.16 -31.30 -6.91
N ALA B 473 -10.42 -30.90 -7.09
CA ALA B 473 -10.91 -30.54 -8.41
C ALA B 473 -10.41 -29.17 -8.85
N LEU B 474 -10.12 -28.28 -7.91
CA LEU B 474 -9.54 -26.99 -8.26
C LEU B 474 -8.09 -27.14 -8.68
N ALA B 475 -7.34 -28.04 -8.02
CA ALA B 475 -5.93 -28.22 -8.33
C ALA B 475 -5.73 -28.92 -9.65
N LEU B 476 -6.64 -29.80 -10.05
CA LEU B 476 -6.51 -30.50 -11.32
C LEU B 476 -7.03 -29.71 -12.49
N THR B 477 -7.83 -28.67 -12.27
CA THR B 477 -8.31 -27.88 -13.40
C THR B 477 -7.43 -26.67 -13.69
N LEU B 478 -6.61 -26.21 -12.74
CA LEU B 478 -5.65 -25.19 -13.07
C LEU B 478 -4.38 -25.77 -13.67
N SER B 479 -4.00 -26.97 -13.25
CA SER B 479 -2.83 -27.62 -13.81
C SER B 479 -3.12 -28.36 -15.11
N PHE B 480 -4.38 -28.36 -15.57
CA PHE B 480 -4.69 -28.83 -16.91
C PHE B 480 -4.64 -27.71 -17.92
N ILE B 481 -5.09 -26.51 -17.54
CA ILE B 481 -5.08 -25.37 -18.46
C ILE B 481 -3.66 -24.91 -18.74
N SER B 482 -2.77 -25.01 -17.74
CA SER B 482 -1.40 -24.53 -17.91
C SER B 482 -0.57 -25.48 -18.77
N THR B 483 -0.74 -26.79 -18.61
CA THR B 483 0.04 -27.71 -19.43
C THR B 483 -0.52 -27.86 -20.83
N ALA B 484 -1.79 -27.53 -21.05
CA ALA B 484 -2.35 -27.59 -22.38
C ALA B 484 -1.99 -26.38 -23.23
N MET B 485 -1.52 -25.29 -22.62
CA MET B 485 -1.03 -24.17 -23.40
C MET B 485 0.43 -24.32 -23.77
N VAL B 486 1.22 -24.97 -22.92
CA VAL B 486 2.61 -25.26 -23.25
C VAL B 486 2.68 -26.23 -24.43
N CYS B 487 1.74 -27.17 -24.49
CA CYS B 487 1.70 -28.11 -25.61
C CYS B 487 1.25 -27.44 -26.90
N VAL B 488 0.43 -26.39 -26.82
CA VAL B 488 0.10 -25.59 -27.99
C VAL B 488 1.31 -24.76 -28.42
N LEU B 489 2.01 -24.16 -27.45
CA LEU B 489 3.18 -23.35 -27.76
C LEU B 489 4.35 -24.19 -28.24
N PHE B 490 4.43 -25.44 -27.83
CA PHE B 490 5.54 -26.29 -28.26
C PHE B 490 5.41 -26.67 -29.72
N VAL B 491 4.19 -26.88 -30.20
CA VAL B 491 4.00 -27.30 -31.59
C VAL B 491 4.06 -26.10 -32.52
N SER B 492 3.50 -24.96 -32.11
CA SER B 492 3.53 -23.78 -32.97
C SER B 492 4.90 -23.10 -32.99
N THR B 493 5.79 -23.43 -32.07
CA THR B 493 7.17 -22.94 -32.16
C THR B 493 7.98 -23.79 -33.13
N LEU B 494 7.69 -25.08 -33.19
CA LEU B 494 8.37 -25.95 -34.16
C LEU B 494 7.88 -25.70 -35.58
N LEU B 495 6.64 -25.23 -35.74
CA LEU B 495 6.14 -24.92 -37.07
C LEU B 495 6.66 -23.59 -37.59
N HIS B 496 6.76 -22.59 -36.72
CA HIS B 496 7.32 -21.30 -37.12
C HIS B 496 8.82 -21.33 -37.32
N ALA B 497 9.52 -22.34 -36.79
CA ALA B 497 10.97 -22.37 -36.94
C ALA B 497 11.41 -23.12 -38.18
N PHE B 498 10.79 -24.27 -38.46
CA PHE B 498 11.31 -25.20 -39.46
C PHE B 498 10.43 -25.36 -40.69
N VAL B 499 9.13 -25.09 -40.58
CA VAL B 499 8.21 -25.22 -41.70
C VAL B 499 7.98 -23.89 -42.40
N TRP B 500 7.79 -22.82 -41.64
CA TRP B 500 7.59 -21.50 -42.20
C TRP B 500 8.80 -20.60 -42.09
N GLN B 501 9.70 -20.89 -41.14
CA GLN B 501 10.95 -20.15 -40.89
C GLN B 501 10.69 -18.67 -40.65
N THR B 502 9.98 -18.38 -39.57
CA THR B 502 9.64 -16.99 -39.24
C THR B 502 9.69 -16.72 -37.75
N LEU B 503 10.58 -17.38 -37.00
CA LEU B 503 10.76 -17.01 -35.60
C LEU B 503 11.57 -15.74 -35.42
N PHE B 504 12.54 -15.48 -36.29
CA PHE B 504 13.49 -14.39 -36.07
C PHE B 504 13.44 -13.44 -37.25
N PRO B 505 12.51 -12.46 -37.24
CA PRO B 505 12.55 -11.41 -38.25
C PRO B 505 13.52 -10.32 -37.85
N ASN B 506 13.57 -9.22 -38.59
CA ASN B 506 14.41 -8.09 -38.22
C ASN B 506 13.87 -7.46 -36.96
N ASP B 507 14.75 -7.28 -35.97
CA ASP B 507 14.37 -6.70 -34.67
C ASP B 507 14.45 -5.19 -34.79
N LEU B 508 13.38 -4.60 -35.32
CA LEU B 508 13.40 -3.20 -35.70
C LEU B 508 13.25 -2.25 -34.52
N ALA B 509 12.91 -2.74 -33.34
CA ALA B 509 12.65 -1.85 -32.21
C ALA B 509 13.91 -1.29 -31.58
N ILE B 510 15.07 -1.89 -31.86
CA ILE B 510 16.33 -1.38 -31.28
C ILE B 510 17.02 -0.38 -32.18
N ALA B 511 16.60 -0.22 -33.42
CA ALA B 511 17.32 0.58 -34.39
C ALA B 511 16.76 1.97 -34.56
N ILE B 512 15.96 2.45 -33.60
CA ILE B 512 15.31 3.75 -33.74
C ILE B 512 16.32 4.87 -33.55
N THR B 513 15.98 6.04 -34.06
CA THR B 513 16.84 7.21 -33.91
C THR B 513 16.65 7.84 -32.53
N LYS B 514 17.64 8.62 -32.12
CA LYS B 514 17.65 9.16 -30.76
C LYS B 514 16.73 10.37 -30.63
N ARG B 515 16.66 11.22 -31.65
CA ARG B 515 16.13 12.57 -31.46
C ARG B 515 14.78 12.80 -32.10
N LYS B 516 14.66 12.61 -33.41
CA LYS B 516 13.50 13.17 -34.10
C LYS B 516 12.37 12.17 -34.18
N LEU B 517 11.17 12.68 -34.42
CA LEU B 517 10.00 11.84 -34.61
C LEU B 517 9.80 11.51 -36.09
N ASN C 150 1.58 35.18 3.89
CA ASN C 150 1.41 33.74 4.00
C ASN C 150 1.70 33.12 2.64
N VAL C 151 2.83 32.45 2.54
CA VAL C 151 3.39 31.99 1.27
C VAL C 151 2.85 30.60 0.96
N SER C 152 2.46 30.40 -0.29
CA SER C 152 1.91 29.12 -0.73
C SER C 152 3.00 28.04 -0.75
N ALA C 153 2.56 26.78 -0.78
CA ALA C 153 3.50 25.67 -0.75
C ALA C 153 4.22 25.50 -2.07
N GLY C 154 3.55 25.80 -3.19
CA GLY C 154 4.20 25.73 -4.48
C GLY C 154 5.19 26.84 -4.72
N ARG C 155 5.09 27.94 -3.98
CA ARG C 155 6.05 29.04 -4.11
C ARG C 155 7.36 28.75 -3.39
N TYR C 156 7.33 27.94 -2.32
CA TYR C 156 8.58 27.51 -1.69
C TYR C 156 9.38 26.60 -2.60
N PHE C 157 8.71 25.71 -3.34
CA PHE C 157 9.43 24.85 -4.27
C PHE C 157 9.95 25.62 -5.48
N ALA C 158 9.30 26.70 -5.87
CA ALA C 158 9.72 27.47 -7.03
C ALA C 158 10.87 28.42 -6.74
N ALA C 159 10.96 28.92 -5.50
CA ALA C 159 11.94 29.94 -5.17
C ALA C 159 13.18 29.41 -4.47
N LEU C 160 13.13 28.20 -3.92
CA LEU C 160 14.20 27.67 -3.10
C LEU C 160 14.83 26.46 -3.78
N ARG C 161 16.04 26.13 -3.34
CA ARG C 161 16.88 25.19 -4.04
C ARG C 161 17.76 24.43 -3.05
N GLY C 162 17.87 23.11 -3.20
CA GLY C 162 18.64 22.24 -2.34
C GLY C 162 17.87 21.02 -1.96
N PRO C 163 18.44 19.97 -1.38
CA PRO C 163 17.64 18.86 -0.81
C PRO C 163 16.78 19.17 0.42
N GLU C 164 16.84 20.37 1.04
CA GLU C 164 16.16 20.80 2.20
C GLU C 164 15.57 22.14 2.00
N LEU C 165 15.72 22.80 0.87
CA LEU C 165 15.20 24.03 0.45
C LEU C 165 15.76 25.08 1.25
N ASP C 166 17.01 25.19 1.18
CA ASP C 166 17.64 26.06 2.06
C ASP C 166 18.39 27.17 1.43
N GLU C 167 18.54 27.13 0.14
CA GLU C 167 19.19 28.20 -0.60
C GLU C 167 18.21 28.85 -1.57
N VAL C 168 18.37 30.15 -1.76
CA VAL C 168 17.57 30.88 -2.74
C VAL C 168 18.24 30.77 -4.10
N LYS C 169 17.43 30.78 -5.14
CA LYS C 169 17.96 30.65 -6.50
C LYS C 169 18.57 31.97 -6.96
N ASP C 170 19.24 31.91 -8.10
CA ASP C 170 20.07 33.02 -8.58
C ASP C 170 19.27 34.20 -9.12
N ASN C 171 17.97 34.04 -9.33
CA ASN C 171 17.14 35.09 -9.92
C ASN C 171 16.04 35.58 -8.98
N GLU C 172 16.13 35.25 -7.70
CA GLU C 172 15.09 35.57 -6.73
C GLU C 172 15.51 36.77 -5.88
N ASP C 173 14.56 37.65 -5.59
CA ASP C 173 14.76 38.75 -4.68
C ASP C 173 14.11 38.45 -3.34
N ILE C 174 14.73 38.96 -2.28
CA ILE C 174 14.31 38.67 -0.91
C ILE C 174 14.05 39.98 -0.18
N LEU C 175 13.42 39.87 0.99
CA LEU C 175 12.91 41.01 1.72
C LEU C 175 13.91 41.61 2.70
N LEU C 176 15.04 40.97 2.93
CA LEU C 176 16.02 41.36 3.93
C LEU C 176 17.39 41.40 3.27
N PRO C 177 18.33 42.18 3.82
CA PRO C 177 19.67 42.24 3.22
C PRO C 177 20.43 40.93 3.34
N LYS C 178 21.39 40.74 2.43
CA LYS C 178 22.15 39.51 2.36
C LYS C 178 23.47 39.57 3.12
N GLU C 179 24.16 40.70 3.07
CA GLU C 179 25.52 40.80 3.58
C GLU C 179 25.60 41.36 4.99
N GLU C 180 24.67 42.25 5.36
CA GLU C 180 24.60 42.75 6.72
C GLU C 180 24.19 41.64 7.68
N GLN C 181 24.75 41.65 8.88
CA GLN C 181 24.49 40.61 9.86
C GLN C 181 23.16 40.85 10.57
N TRP C 182 22.30 39.84 10.60
CA TRP C 182 20.98 39.95 11.20
C TRP C 182 21.07 39.87 12.71
N PRO C 183 20.00 40.18 13.43
CA PRO C 183 19.94 39.80 14.85
C PRO C 183 19.91 38.28 15.00
N PHE C 184 20.41 37.82 16.17
CA PHE C 184 20.73 36.41 16.34
C PHE C 184 19.49 35.51 16.33
N LEU C 185 18.36 36.00 16.80
CA LEU C 185 17.17 35.17 16.86
C LEU C 185 16.50 34.98 15.51
N LEU C 186 16.94 35.68 14.46
CA LEU C 186 16.50 35.38 13.10
C LEU C 186 17.42 34.40 12.39
N ARG C 187 18.65 34.25 12.85
CA ARG C 187 19.61 33.34 12.25
C ARG C 187 19.59 31.97 12.90
N PHE C 188 18.60 31.67 13.72
CA PHE C 188 18.55 30.46 14.52
C PHE C 188 17.42 29.58 14.02
N PRO C 189 17.69 28.57 13.19
CA PRO C 189 16.62 27.77 12.60
C PRO C 189 16.02 26.79 13.61
N ILE C 190 14.94 26.14 13.19
CA ILE C 190 14.34 25.08 13.99
C ILE C 190 15.00 23.74 13.71
N GLY C 191 15.79 23.64 12.65
CA GLY C 191 16.47 22.40 12.29
C GLY C 191 17.57 21.98 13.25
N CYS C 192 17.92 22.82 14.21
CA CYS C 192 18.87 22.46 15.25
C CYS C 192 18.20 21.83 16.48
N PHE C 193 16.94 21.41 16.35
CA PHE C 193 16.43 20.32 17.18
C PHE C 193 16.89 18.95 16.68
N GLY C 194 17.56 18.89 15.53
CA GLY C 194 18.18 17.66 15.08
C GLY C 194 19.45 17.32 15.83
N ILE C 195 20.09 18.30 16.46
CA ILE C 195 21.21 18.02 17.36
C ILE C 195 20.72 17.25 18.57
N CYS C 196 19.50 17.54 19.02
CA CYS C 196 18.92 16.85 20.16
C CYS C 196 18.43 15.46 19.78
N LEU C 197 17.98 15.27 18.54
CA LEU C 197 17.61 13.94 18.07
C LEU C 197 18.82 13.02 17.93
N GLY C 198 19.97 13.56 17.56
CA GLY C 198 21.14 12.73 17.40
C GLY C 198 21.79 12.33 18.72
N LEU C 199 21.67 13.17 19.74
CA LEU C 199 22.25 12.87 21.04
C LEU C 199 21.34 12.01 21.91
N SER C 200 20.02 12.25 21.88
CA SER C 200 19.13 11.51 22.75
C SER C 200 18.89 10.09 22.24
N SER C 201 19.16 9.83 20.98
CA SER C 201 19.06 8.48 20.43
C SER C 201 20.31 7.66 20.73
N GLN C 202 21.43 8.31 21.02
CA GLN C 202 22.63 7.62 21.48
C GLN C 202 22.56 7.20 22.93
N ALA C 203 21.67 7.80 23.72
CA ALA C 203 21.48 7.36 25.09
C ALA C 203 20.60 6.12 25.18
N VAL C 204 19.77 5.88 24.17
CA VAL C 204 19.02 4.64 24.08
C VAL C 204 19.93 3.48 23.68
N LEU C 205 20.91 3.75 22.82
CA LEU C 205 21.81 2.71 22.33
C LEU C 205 22.77 2.25 23.41
N TRP C 206 23.41 3.17 24.12
CA TRP C 206 24.42 2.79 25.09
C TRP C 206 23.83 2.31 26.40
N LEU C 207 22.52 2.34 26.57
CA LEU C 207 21.89 1.57 27.64
C LEU C 207 21.53 0.16 27.17
N ALA C 208 21.21 0.01 25.88
CA ALA C 208 20.96 -1.32 25.32
C ALA C 208 22.24 -2.12 25.20
N LEU C 209 23.38 -1.46 24.96
CA LEU C 209 24.64 -2.18 24.89
C LEU C 209 25.12 -2.65 26.25
N ALA C 210 24.65 -2.04 27.34
CA ALA C 210 25.13 -2.39 28.67
C ALA C 210 24.17 -3.28 29.45
N LYS C 211 22.93 -3.44 29.01
CA LYS C 211 21.91 -4.14 29.76
C LYS C 211 21.28 -5.27 28.97
N SER C 212 21.95 -5.75 27.93
CA SER C 212 21.35 -6.82 27.15
C SER C 212 22.21 -8.07 27.24
N PRO C 213 21.59 -9.26 27.27
CA PRO C 213 22.38 -10.50 27.34
C PRO C 213 23.10 -10.85 26.05
N ALA C 214 22.73 -10.22 24.93
CA ALA C 214 23.42 -10.47 23.67
C ALA C 214 24.81 -9.83 23.65
N THR C 215 25.00 -8.74 24.39
CA THR C 215 26.26 -8.00 24.40
C THR C 215 26.90 -8.01 25.78
N ASN C 216 26.72 -9.09 26.54
CA ASN C 216 27.28 -9.20 27.88
C ASN C 216 28.79 -9.40 27.85
N PHE C 217 29.33 -9.95 26.77
CA PHE C 217 30.75 -10.27 26.69
C PHE C 217 31.66 -9.06 26.55
N LEU C 218 31.09 -7.86 26.38
CA LEU C 218 31.87 -6.64 26.21
C LEU C 218 32.14 -5.91 27.51
N HIS C 219 31.29 -6.11 28.52
CA HIS C 219 31.40 -5.50 29.85
C HIS C 219 31.42 -3.98 29.78
N ILE C 220 30.45 -3.43 29.06
CA ILE C 220 30.35 -1.98 28.88
C ILE C 220 29.76 -1.37 30.15
N THR C 221 30.43 -0.34 30.66
CA THR C 221 29.99 0.29 31.90
C THR C 221 28.72 1.11 31.66
N PRO C 222 27.81 1.13 32.64
CA PRO C 222 26.60 1.94 32.50
C PRO C 222 26.77 3.43 32.80
N LEU C 223 28.00 3.92 32.94
CA LEU C 223 28.30 5.33 33.09
C LEU C 223 28.44 6.04 31.75
N ILE C 224 28.38 5.31 30.64
CA ILE C 224 28.31 5.97 29.35
C ILE C 224 26.89 6.47 29.11
N ASN C 225 25.89 5.80 29.68
CA ASN C 225 24.52 6.29 29.59
C ASN C 225 24.32 7.54 30.45
N LEU C 226 25.01 7.66 31.59
CA LEU C 226 24.89 8.86 32.41
C LEU C 226 25.37 10.11 31.67
N VAL C 227 26.56 10.04 31.08
CA VAL C 227 27.15 11.24 30.50
C VAL C 227 26.48 11.64 29.20
N VAL C 228 25.82 10.71 28.51
CA VAL C 228 25.11 11.06 27.28
C VAL C 228 23.69 11.52 27.57
N TRP C 229 23.04 10.95 28.60
CA TRP C 229 21.69 11.39 28.96
C TRP C 229 21.72 12.79 29.56
N LEU C 230 22.71 13.08 30.40
CA LEU C 230 22.81 14.40 31.02
C LEU C 230 23.26 15.46 30.02
N PHE C 231 24.10 15.10 29.05
CA PHE C 231 24.51 16.08 28.05
C PHE C 231 23.42 16.33 27.02
N SER C 232 22.59 15.32 26.72
CA SER C 232 21.47 15.53 25.82
C SER C 232 20.34 16.31 26.47
N LEU C 233 20.32 16.39 27.80
CA LEU C 233 19.29 17.10 28.54
C LEU C 233 19.64 18.56 28.79
N VAL C 234 20.93 18.91 28.75
CA VAL C 234 21.33 20.31 28.82
C VAL C 234 21.20 20.97 27.46
N VAL C 235 21.47 20.23 26.39
CA VAL C 235 21.32 20.75 25.03
C VAL C 235 19.83 20.94 24.70
N LEU C 236 18.98 20.05 25.17
CA LEU C 236 17.54 20.15 24.93
C LEU C 236 16.93 21.35 25.66
N VAL C 237 17.37 21.62 26.89
CA VAL C 237 16.82 22.76 27.62
C VAL C 237 17.45 24.07 27.16
N SER C 238 18.55 24.01 26.41
CA SER C 238 19.18 25.20 25.85
C SER C 238 18.58 25.61 24.51
N VAL C 239 18.31 24.62 23.65
CA VAL C 239 17.70 24.91 22.35
C VAL C 239 16.25 25.34 22.53
N SER C 240 15.54 24.72 23.48
CA SER C 240 14.13 25.04 23.69
C SER C 240 13.92 26.40 24.32
N PHE C 241 14.87 26.85 25.15
CA PHE C 241 14.70 28.15 25.77
C PHE C 241 14.96 29.27 24.77
N THR C 242 15.96 29.14 23.91
CA THR C 242 16.23 30.18 22.93
C THR C 242 15.38 30.07 21.67
N TYR C 243 14.43 29.13 21.62
CA TYR C 243 13.43 29.15 20.56
C TYR C 243 12.11 29.73 21.04
N ILE C 244 11.84 29.67 22.34
CA ILE C 244 10.70 30.38 22.91
C ILE C 244 10.92 31.89 22.83
N LEU C 245 12.15 32.34 23.01
CA LEU C 245 12.47 33.76 22.82
C LEU C 245 12.40 34.19 21.36
N LYS C 246 12.48 33.26 20.42
CA LYS C 246 12.22 33.61 19.03
C LYS C 246 10.73 33.79 18.77
N CYS C 247 9.89 33.02 19.46
CA CYS C 247 8.45 33.15 19.33
C CYS C 247 7.91 34.42 19.98
N ILE C 248 8.60 34.95 20.99
CA ILE C 248 8.14 36.15 21.66
C ILE C 248 8.46 37.39 20.84
N PHE C 249 9.66 37.46 20.28
CA PHE C 249 10.10 38.69 19.61
C PHE C 249 9.97 38.65 18.10
N TYR C 250 10.03 37.47 17.48
CA TYR C 250 10.09 37.33 16.03
C TYR C 250 9.11 36.28 15.55
N PHE C 251 7.85 36.40 15.97
CA PHE C 251 6.85 35.37 15.67
C PHE C 251 6.46 35.35 14.19
N GLU C 252 6.75 36.40 13.43
CA GLU C 252 6.49 36.37 11.99
C GLU C 252 7.46 35.49 11.24
N ALA C 253 8.66 35.27 11.78
CA ALA C 253 9.61 34.34 11.19
C ALA C 253 9.34 32.90 11.59
N VAL C 254 8.70 32.68 12.74
CA VAL C 254 8.30 31.34 13.15
C VAL C 254 7.18 30.82 12.26
N LYS C 255 6.31 31.72 11.80
CA LYS C 255 5.23 31.32 10.90
C LYS C 255 5.74 31.01 9.50
N ARG C 256 6.79 31.68 9.03
CA ARG C 256 7.41 31.33 7.76
C ARG C 256 8.03 29.94 7.78
N GLU C 257 8.53 29.50 8.93
CA GLU C 257 9.05 28.15 9.08
C GLU C 257 7.95 27.11 9.22
N TYR C 258 6.79 27.48 9.74
CA TYR C 258 5.70 26.54 9.90
C TYR C 258 5.06 26.15 8.58
N PHE C 259 5.06 27.05 7.60
CA PHE C 259 4.48 26.75 6.30
C PHE C 259 5.52 26.33 5.27
N HIS C 260 6.80 26.33 5.63
CA HIS C 260 7.84 25.78 4.79
C HIS C 260 7.69 24.26 4.73
N PRO C 261 7.63 23.66 3.54
CA PRO C 261 7.22 22.25 3.43
C PRO C 261 8.21 21.24 4.04
N VAL C 262 9.46 21.62 4.24
CA VAL C 262 10.41 20.74 4.90
C VAL C 262 10.41 20.95 6.40
N ARG C 263 10.27 22.20 6.85
CA ARG C 263 10.41 22.55 8.25
C ARG C 263 9.12 22.42 9.05
N VAL C 264 8.03 21.90 8.44
CA VAL C 264 6.85 21.53 9.23
C VAL C 264 7.22 20.44 10.21
N ASN C 265 8.00 19.47 9.75
CA ASN C 265 8.25 18.21 10.44
C ASN C 265 9.19 18.35 11.62
N PHE C 266 9.87 19.48 11.76
CA PHE C 266 10.71 19.75 12.90
C PHE C 266 9.96 20.43 14.04
N PHE C 267 8.66 20.60 13.90
CA PHE C 267 7.80 20.95 15.02
C PHE C 267 7.32 19.72 15.78
N PHE C 268 7.35 18.55 15.14
CA PHE C 268 7.16 17.28 15.84
C PHE C 268 8.39 16.88 16.63
N ALA C 269 9.57 17.32 16.19
CA ALA C 269 10.84 16.90 16.77
C ALA C 269 11.10 17.22 18.25
N PRO C 270 10.65 18.34 18.86
CA PRO C 270 10.92 18.50 20.30
C PRO C 270 10.24 17.49 21.21
N TRP C 271 9.16 16.86 20.76
CA TRP C 271 8.41 15.94 21.60
C TRP C 271 8.84 14.49 21.40
N VAL C 272 9.58 14.20 20.33
CA VAL C 272 10.19 12.89 20.15
C VAL C 272 11.48 12.80 20.98
N VAL C 273 12.17 13.92 21.17
CA VAL C 273 13.36 13.95 22.02
C VAL C 273 12.98 13.70 23.48
N CYS C 274 11.81 14.21 23.90
CA CYS C 274 11.38 14.04 25.28
C CYS C 274 10.97 12.60 25.57
N MET C 275 10.57 11.85 24.55
CA MET C 275 10.22 10.44 24.72
C MET C 275 11.44 9.53 24.64
N PHE C 276 12.49 9.94 23.93
CA PHE C 276 13.76 9.22 23.97
C PHE C 276 14.45 9.33 25.32
N LEU C 277 14.30 10.48 25.99
CA LEU C 277 14.93 10.62 27.30
C LEU C 277 14.16 9.92 28.40
N ALA C 278 12.92 9.49 28.14
CA ALA C 278 12.06 8.85 29.12
C ALA C 278 12.11 7.34 29.07
N ILE C 279 12.36 6.76 27.89
CA ILE C 279 12.52 5.31 27.78
C ILE C 279 13.96 4.88 28.02
N SER C 280 14.84 5.80 28.39
CA SER C 280 16.26 5.49 28.56
C SER C 280 16.85 6.18 29.76
N VAL C 281 16.07 6.34 30.84
CA VAL C 281 16.57 7.00 32.06
C VAL C 281 17.63 6.12 32.70
N PRO C 282 18.68 6.71 33.29
CA PRO C 282 19.71 5.91 33.93
C PRO C 282 19.17 5.20 35.17
N PRO C 283 19.55 3.93 35.38
CA PRO C 283 19.07 3.21 36.57
C PRO C 283 19.64 3.75 37.88
N MET C 284 20.67 4.60 37.83
CA MET C 284 21.10 5.30 39.02
C MET C 284 20.03 6.26 39.52
N PHE C 285 19.31 6.91 38.60
CA PHE C 285 18.29 7.87 39.02
C PHE C 285 16.97 7.20 39.31
N SER C 286 16.61 6.17 38.52
CA SER C 286 15.31 5.51 38.62
C SER C 286 15.47 4.02 38.93
N PRO C 287 15.69 3.64 40.19
CA PRO C 287 15.65 2.23 40.55
C PRO C 287 14.28 1.84 41.11
N ASN C 288 14.11 0.53 41.32
CA ASN C 288 12.98 -0.06 42.06
C ASN C 288 11.62 0.29 41.44
N ARG C 289 11.54 0.23 40.11
CA ARG C 289 10.32 0.59 39.41
C ARG C 289 9.98 -0.45 38.36
N LYS C 290 8.73 -0.92 38.37
CA LYS C 290 8.26 -1.76 37.28
C LYS C 290 7.70 -0.90 36.15
N TYR C 291 6.92 0.12 36.51
CA TYR C 291 6.23 0.99 35.56
C TYR C 291 6.53 2.45 35.85
N LEU C 292 6.65 3.24 34.79
CA LEU C 292 6.68 4.69 34.93
C LEU C 292 5.28 5.20 35.24
N HIS C 293 5.22 6.46 35.68
CA HIS C 293 3.90 7.02 35.96
C HIS C 293 3.21 7.42 34.66
N PRO C 294 1.90 7.21 34.52
CA PRO C 294 1.21 7.51 33.26
C PRO C 294 1.12 8.98 32.90
N ALA C 295 1.36 9.90 33.84
CA ALA C 295 1.38 11.31 33.52
C ALA C 295 2.61 11.73 32.74
N ILE C 296 3.66 10.90 32.75
CA ILE C 296 4.81 11.15 31.89
C ILE C 296 4.43 10.96 30.43
N TRP C 297 3.50 10.04 30.15
CA TRP C 297 3.05 9.81 28.78
C TRP C 297 2.15 10.95 28.31
N CYS C 298 1.27 11.42 29.18
CA CYS C 298 0.23 12.37 28.78
C CYS C 298 0.77 13.78 28.56
N VAL C 299 1.92 14.11 29.13
CA VAL C 299 2.51 15.44 28.95
C VAL C 299 3.35 15.51 27.66
N PHE C 300 3.97 14.42 27.24
CA PHE C 300 4.84 14.41 26.07
C PHE C 300 4.12 13.98 24.80
N MET C 301 3.20 13.03 24.89
CA MET C 301 2.44 12.56 23.75
C MET C 301 1.14 13.35 23.56
N GLY C 302 0.79 14.19 24.52
CA GLY C 302 -0.34 15.08 24.41
C GLY C 302 -0.26 16.09 23.28
N PRO C 303 0.77 16.95 23.29
CA PRO C 303 0.95 17.87 22.14
C PRO C 303 1.44 17.21 20.87
N TYR C 304 1.96 15.98 20.92
CA TYR C 304 2.28 15.31 19.67
C TYR C 304 1.01 14.86 18.97
N PHE C 305 0.03 14.37 19.73
CA PHE C 305 -1.19 13.81 19.14
C PHE C 305 -2.14 14.90 18.68
N PHE C 306 -2.12 16.06 19.34
CA PHE C 306 -2.96 17.17 18.92
C PHE C 306 -2.49 17.76 17.60
N LEU C 307 -1.17 17.88 17.41
CA LEU C 307 -0.63 18.42 16.18
C LEU C 307 -0.71 17.41 15.05
N GLU C 308 -0.83 16.13 15.40
CA GLU C 308 -0.96 15.04 14.44
C GLU C 308 -2.35 14.99 13.82
N LEU C 309 -3.39 15.28 14.61
CA LEU C 309 -4.75 15.35 14.09
C LEU C 309 -4.93 16.50 13.11
N LYS C 310 -4.22 17.61 13.33
CA LYS C 310 -4.35 18.76 12.43
C LYS C 310 -3.65 18.50 11.10
N ILE C 311 -2.50 17.86 11.12
CA ILE C 311 -1.72 17.66 9.90
C ILE C 311 -2.28 16.51 9.07
N TYR C 312 -2.68 15.41 9.71
CA TYR C 312 -3.19 14.27 8.97
C TYR C 312 -4.56 14.55 8.39
N GLY C 313 -5.34 15.42 9.03
CA GLY C 313 -6.61 15.83 8.46
C GLY C 313 -6.46 16.69 7.22
N GLN C 314 -5.36 17.44 7.13
CA GLN C 314 -5.05 18.20 5.93
C GLN C 314 -4.51 17.34 4.80
N TRP C 315 -3.93 16.18 5.11
CA TRP C 315 -3.39 15.33 4.06
C TRP C 315 -4.50 14.67 3.26
N LEU C 316 -5.56 14.19 3.90
CA LEU C 316 -6.58 13.47 3.15
C LEU C 316 -7.66 14.37 2.58
N SER C 317 -7.69 15.65 2.96
CA SER C 317 -8.67 16.57 2.41
C SER C 317 -8.17 17.08 1.06
N GLY C 318 -8.87 18.05 0.49
CA GLY C 318 -8.55 18.45 -0.87
C GLY C 318 -8.10 19.88 -1.08
N GLY C 319 -7.57 20.54 -0.06
CA GLY C 319 -7.15 21.90 -0.28
C GLY C 319 -5.74 22.31 0.11
N LYS C 320 -4.89 22.52 -0.91
CA LYS C 320 -3.69 23.37 -0.92
C LYS C 320 -2.53 22.93 -0.05
N ARG C 321 -2.70 21.92 0.81
CA ARG C 321 -1.61 21.40 1.63
C ARG C 321 -1.82 19.91 1.82
N ARG C 322 -2.53 19.29 0.89
CA ARG C 322 -2.66 17.85 0.89
C ARG C 322 -1.32 17.23 0.49
N LEU C 323 -1.19 15.94 0.78
CA LEU C 323 0.11 15.26 0.80
C LEU C 323 0.76 15.19 -0.58
N CYS C 324 -0.03 15.19 -1.66
CA CYS C 324 0.56 15.14 -2.99
C CYS C 324 1.21 16.46 -3.40
N LYS C 325 1.04 17.52 -2.61
CA LYS C 325 1.61 18.82 -2.91
C LYS C 325 2.73 19.21 -1.96
N VAL C 326 3.02 18.41 -0.95
CA VAL C 326 3.88 18.84 0.14
C VAL C 326 4.92 17.77 0.47
N ALA C 327 4.82 16.59 -0.14
CA ALA C 327 5.60 15.44 0.29
C ALA C 327 7.08 15.56 -0.09
N ASN C 328 7.93 14.98 0.76
CA ASN C 328 9.38 15.00 0.70
C ASN C 328 9.89 13.90 1.65
N PRO C 329 11.19 13.55 1.67
CA PRO C 329 11.65 12.52 2.62
C PRO C 329 11.54 12.89 4.10
N SER C 330 11.48 14.18 4.43
CA SER C 330 11.36 14.59 5.83
C SER C 330 9.96 14.40 6.39
N SER C 331 8.98 14.03 5.56
CA SER C 331 7.63 13.75 6.02
C SER C 331 7.52 12.47 6.83
N HIS C 332 8.56 11.63 6.82
CA HIS C 332 8.59 10.45 7.70
C HIS C 332 8.77 10.83 9.16
N LEU C 333 9.22 12.04 9.45
CA LEU C 333 9.39 12.49 10.83
C LEU C 333 8.08 12.82 11.51
N SER C 334 6.99 12.92 10.74
CA SER C 334 5.64 13.08 11.25
C SER C 334 4.98 11.76 11.61
N VAL C 335 5.64 10.63 11.37
CA VAL C 335 5.04 9.30 11.50
C VAL C 335 5.75 8.54 12.62
N VAL C 336 7.04 8.83 12.81
CA VAL C 336 7.89 8.00 13.66
C VAL C 336 7.58 8.19 15.15
N GLY C 337 6.96 9.30 15.55
CA GLY C 337 6.61 9.49 16.94
C GLY C 337 5.43 8.68 17.42
N ASN C 338 4.69 8.06 16.49
CA ASN C 338 3.66 7.10 16.86
C ASN C 338 4.26 5.81 17.39
N PHE C 339 5.46 5.46 16.95
CA PHE C 339 6.11 4.24 17.41
C PHE C 339 6.98 4.47 18.62
N VAL C 340 7.54 5.66 18.77
CA VAL C 340 8.26 5.99 19.99
C VAL C 340 7.27 6.19 21.13
N GLY C 341 6.08 6.70 20.82
CA GLY C 341 5.04 6.85 21.81
C GLY C 341 4.32 5.58 22.17
N ALA C 342 4.48 4.52 21.37
CA ALA C 342 3.94 3.22 21.72
C ALA C 342 4.87 2.43 22.61
N ILE C 343 6.18 2.70 22.55
CA ILE C 343 7.12 2.10 23.48
C ILE C 343 6.94 2.69 24.86
N LEU C 344 6.68 3.99 24.94
CA LEU C 344 6.55 4.68 26.21
C LEU C 344 5.17 4.48 26.82
N ALA C 345 4.17 4.13 26.02
CA ALA C 345 2.88 3.76 26.57
C ALA C 345 2.88 2.37 27.17
N SER C 346 3.69 1.45 26.65
CA SER C 346 3.79 0.13 27.25
C SER C 346 4.50 0.17 28.58
N LYS C 347 5.44 1.09 28.76
CA LYS C 347 6.24 1.14 29.96
C LYS C 347 5.64 2.01 31.04
N VAL C 348 4.42 2.52 30.84
CA VAL C 348 3.61 3.06 31.93
C VAL C 348 2.48 2.13 32.30
N GLY C 349 2.31 1.03 31.57
CA GLY C 349 1.31 0.03 31.88
C GLY C 349 0.08 0.03 31.01
N TRP C 350 0.10 0.71 29.86
CA TRP C 350 -1.06 0.88 29.01
C TRP C 350 -0.81 0.20 27.66
N ASP C 351 -1.08 -1.10 27.58
CA ASP C 351 -0.80 -1.86 26.36
C ASP C 351 -1.88 -1.73 25.30
N GLU C 352 -3.05 -1.21 25.62
CA GLU C 352 -4.07 -1.01 24.60
C GLU C 352 -3.96 0.35 23.92
N VAL C 353 -3.41 1.34 24.61
CA VAL C 353 -3.09 2.61 23.97
C VAL C 353 -1.87 2.45 23.09
N ALA C 354 -0.98 1.52 23.43
CA ALA C 354 0.18 1.24 22.60
C ALA C 354 -0.21 0.53 21.31
N LYS C 355 -1.23 -0.31 21.35
CA LYS C 355 -1.72 -0.96 20.15
C LYS C 355 -2.50 0.01 19.26
N PHE C 356 -3.08 1.05 19.86
CA PHE C 356 -3.73 2.10 19.09
C PHE C 356 -2.72 2.94 18.32
N LEU C 357 -1.58 3.22 18.94
CA LEU C 357 -0.56 4.06 18.32
C LEU C 357 0.28 3.32 17.31
N TRP C 358 0.36 1.99 17.40
CA TRP C 358 1.04 1.23 16.35
C TRP C 358 0.24 1.23 15.06
N ALA C 359 -1.09 1.20 15.17
CA ALA C 359 -1.96 1.07 14.00
C ALA C 359 -2.13 2.39 13.25
N VAL C 360 -2.10 3.52 13.95
CA VAL C 360 -2.17 4.79 13.25
C VAL C 360 -0.82 5.12 12.62
N GLY C 361 0.29 4.67 13.22
CA GLY C 361 1.58 4.86 12.60
C GLY C 361 1.83 3.93 11.44
N PHE C 362 1.20 2.76 11.46
CA PHE C 362 1.38 1.79 10.38
C PHE C 362 0.62 2.20 9.13
N ALA C 363 -0.58 2.74 9.30
CA ALA C 363 -1.40 3.13 8.15
C ALA C 363 -0.85 4.36 7.45
N HIS C 364 -0.28 5.29 8.20
CA HIS C 364 0.29 6.49 7.61
C HIS C 364 1.73 6.29 7.14
N TYR C 365 2.39 5.22 7.57
CA TYR C 365 3.67 4.88 6.96
C TYR C 365 3.48 4.38 5.54
N LEU C 366 2.43 3.59 5.31
CA LEU C 366 2.19 3.04 3.97
C LEU C 366 1.77 4.12 2.97
N VAL C 367 1.14 5.19 3.44
CA VAL C 367 0.73 6.25 2.53
C VAL C 367 1.94 7.05 2.09
N VAL C 368 2.84 7.39 3.03
CA VAL C 368 4.00 8.21 2.71
C VAL C 368 5.04 7.42 1.93
N PHE C 369 5.15 6.12 2.19
CA PHE C 369 6.13 5.29 1.50
C PHE C 369 5.76 5.09 0.03
N VAL C 370 4.47 4.97 -0.28
CA VAL C 370 4.05 4.73 -1.65
C VAL C 370 4.00 6.03 -2.43
N THR C 371 3.61 7.14 -1.79
CA THR C 371 3.46 8.41 -2.50
C THR C 371 4.79 9.02 -2.92
N LEU C 372 5.90 8.61 -2.33
CA LEU C 372 7.21 9.14 -2.74
C LEU C 372 7.78 8.44 -3.96
N TYR C 373 7.13 7.40 -4.47
CA TYR C 373 7.51 6.72 -5.68
C TYR C 373 6.83 7.25 -6.91
N GLN C 374 6.18 8.41 -6.84
CA GLN C 374 5.20 8.82 -7.84
C GLN C 374 5.42 10.27 -8.23
N ARG C 375 4.65 10.67 -9.24
CA ARG C 375 4.88 11.91 -9.98
C ARG C 375 4.12 13.04 -9.32
N LEU C 376 4.84 13.85 -8.55
CA LEU C 376 4.27 14.93 -7.76
C LEU C 376 5.26 16.08 -7.76
N PRO C 377 4.78 17.35 -7.55
CA PRO C 377 5.64 18.53 -7.86
C PRO C 377 6.85 18.78 -6.97
N THR C 378 7.18 17.87 -6.06
CA THR C 378 8.45 17.91 -5.35
C THR C 378 9.57 17.63 -6.34
N SER C 379 10.35 18.65 -6.70
CA SER C 379 11.31 18.56 -7.78
C SER C 379 12.76 18.57 -7.29
N GLU C 380 13.16 19.60 -6.55
CA GLU C 380 14.54 19.72 -6.12
C GLU C 380 14.80 19.02 -4.80
N ALA C 381 13.76 18.81 -3.98
CA ALA C 381 13.92 18.13 -2.70
C ALA C 381 14.05 16.62 -2.82
N LEU C 382 14.03 16.08 -4.05
CA LEU C 382 14.27 14.66 -4.28
C LEU C 382 15.49 14.53 -5.17
N PRO C 383 16.66 14.22 -4.63
CA PRO C 383 17.90 14.27 -5.43
C PRO C 383 17.97 13.15 -6.47
N LYS C 384 18.79 13.40 -7.50
CA LYS C 384 18.87 12.53 -8.66
C LYS C 384 19.54 11.20 -8.36
N GLU C 385 20.30 11.11 -7.28
CA GLU C 385 20.97 9.88 -6.90
C GLU C 385 20.93 9.78 -5.38
N LEU C 386 21.56 8.74 -4.84
CA LEU C 386 21.42 8.42 -3.43
C LEU C 386 22.14 9.41 -2.53
N HIS C 387 21.37 10.28 -1.90
CA HIS C 387 21.83 11.31 -0.98
C HIS C 387 21.65 10.79 0.45
N PRO C 388 22.36 11.36 1.43
CA PRO C 388 22.10 11.00 2.83
C PRO C 388 20.72 11.39 3.36
N VAL C 389 19.92 12.16 2.63
CA VAL C 389 18.58 12.51 3.07
C VAL C 389 17.63 11.30 3.02
N TYR C 390 17.99 10.26 2.28
CA TYR C 390 17.15 9.07 2.16
C TYR C 390 17.27 8.14 3.36
N SER C 391 18.02 8.52 4.39
CA SER C 391 18.07 7.75 5.62
C SER C 391 16.80 7.89 6.45
N MET C 392 15.94 8.85 6.13
CA MET C 392 14.67 9.03 6.83
C MET C 392 13.70 7.89 6.56
N PHE C 393 13.92 7.12 5.49
CA PHE C 393 13.15 5.91 5.23
C PHE C 393 13.41 4.81 6.24
N ILE C 394 14.57 4.81 6.89
CA ILE C 394 14.96 3.74 7.80
C ILE C 394 14.31 3.87 9.17
N ALA C 395 13.88 5.09 9.55
CA ALA C 395 13.51 5.37 10.93
C ALA C 395 12.22 4.67 11.35
N ALA C 396 11.20 4.70 10.52
CA ALA C 396 9.90 4.17 10.91
C ALA C 396 9.80 2.64 10.89
N PRO C 397 10.39 1.87 9.96
CA PRO C 397 10.40 0.40 10.16
C PRO C 397 11.31 -0.05 11.29
N SER C 398 12.32 0.74 11.67
CA SER C 398 13.17 0.36 12.79
C SER C 398 12.44 0.50 14.11
N ALA C 399 11.71 1.60 14.29
CA ALA C 399 10.95 1.82 15.51
C ALA C 399 9.68 0.98 15.57
N ALA C 400 9.15 0.53 14.42
CA ALA C 400 7.97 -0.32 14.43
C ALA C 400 8.28 -1.72 14.91
N SER C 401 9.50 -2.20 14.69
CA SER C 401 9.87 -3.54 15.12
C SER C 401 10.26 -3.56 16.59
N ILE C 402 10.79 -2.47 17.12
CA ILE C 402 11.06 -2.35 18.55
C ILE C 402 9.75 -2.24 19.32
N ALA C 403 8.78 -1.54 18.75
CA ALA C 403 7.52 -1.29 19.45
C ALA C 403 6.66 -2.55 19.52
N TRP C 404 6.64 -3.35 18.44
CA TRP C 404 5.87 -4.59 18.44
C TRP C 404 6.47 -5.63 19.39
N ASN C 405 7.78 -5.57 19.62
CA ASN C 405 8.44 -6.47 20.55
C ASN C 405 8.13 -6.14 22.00
N THR C 406 8.00 -4.84 22.34
CA THR C 406 7.69 -4.51 23.73
C THR C 406 6.22 -4.74 24.07
N ILE C 407 5.33 -4.69 23.08
CA ILE C 407 3.92 -4.94 23.33
C ILE C 407 3.66 -6.42 23.53
N TYR C 408 4.15 -7.26 22.62
CA TYR C 408 3.82 -8.68 22.62
C TYR C 408 4.88 -9.56 23.27
N GLY C 409 6.07 -9.04 23.54
CA GLY C 409 7.07 -9.80 24.26
C GLY C 409 7.85 -10.79 23.44
N GLN C 410 7.75 -10.74 22.11
CA GLN C 410 8.44 -11.69 21.26
C GLN C 410 8.73 -11.03 19.92
N PHE C 411 9.83 -11.46 19.30
CA PHE C 411 10.31 -10.88 18.05
C PHE C 411 9.82 -11.76 16.89
N ASP C 412 8.52 -11.74 16.69
CA ASP C 412 7.85 -12.72 15.84
C ASP C 412 7.93 -12.32 14.36
N GLY C 413 7.11 -12.97 13.53
CA GLY C 413 7.18 -12.78 12.09
C GLY C 413 6.65 -11.45 11.59
N CYS C 414 5.89 -10.73 12.42
CA CYS C 414 5.53 -9.36 12.07
C CYS C 414 6.65 -8.39 12.41
N SER C 415 7.37 -8.66 13.49
CA SER C 415 8.46 -7.79 13.90
C SER C 415 9.70 -7.99 13.04
N ARG C 416 9.89 -9.20 12.50
CA ARG C 416 11.02 -9.47 11.60
C ARG C 416 10.83 -8.87 10.22
N THR C 417 9.58 -8.77 9.74
CA THR C 417 9.32 -8.20 8.43
C THR C 417 9.62 -6.71 8.42
N CYS C 418 9.31 -6.02 9.53
CA CYS C 418 9.63 -4.60 9.63
C CYS C 418 11.14 -4.38 9.77
N PHE C 419 11.83 -5.25 10.50
CA PHE C 419 13.28 -5.12 10.69
C PHE C 419 14.04 -5.38 9.39
N PHE C 420 13.57 -6.32 8.58
CA PHE C 420 14.28 -6.68 7.37
C PHE C 420 14.01 -5.71 6.22
N ILE C 421 12.96 -4.90 6.30
CA ILE C 421 12.79 -3.80 5.35
C ILE C 421 13.76 -2.68 5.66
N ALA C 422 13.95 -2.38 6.95
CA ALA C 422 14.89 -1.34 7.36
C ALA C 422 16.34 -1.74 7.10
N LEU C 423 16.64 -3.02 7.13
CA LEU C 423 18.00 -3.49 6.89
C LEU C 423 18.36 -3.46 5.41
N PHE C 424 17.39 -3.66 4.52
CA PHE C 424 17.64 -3.55 3.09
C PHE C 424 17.92 -2.10 2.69
N LEU C 425 17.12 -1.17 3.23
CA LEU C 425 17.32 0.24 2.98
C LEU C 425 18.62 0.75 3.60
N TYR C 426 19.08 0.11 4.67
CA TYR C 426 20.37 0.47 5.25
C TYR C 426 21.51 0.05 4.34
N ILE C 427 21.47 -1.18 3.82
CA ILE C 427 22.51 -1.70 2.94
C ILE C 427 22.57 -0.94 1.63
N SER C 428 21.42 -0.64 1.04
CA SER C 428 21.41 0.05 -0.24
C SER C 428 21.69 1.55 -0.15
N LEU C 429 22.12 2.04 1.00
CA LEU C 429 22.43 3.45 1.23
C LEU C 429 23.82 3.65 1.80
N VAL C 430 24.28 2.76 2.69
CA VAL C 430 25.58 2.93 3.33
C VAL C 430 26.66 2.08 2.66
N ALA C 431 26.30 1.03 1.94
CA ALA C 431 27.30 0.15 1.33
C ALA C 431 27.65 0.63 -0.08
N ARG C 432 28.16 1.85 -0.12
CA ARG C 432 28.67 2.48 -1.32
C ARG C 432 30.00 3.14 -0.98
N ILE C 433 30.64 3.71 -1.99
CA ILE C 433 31.90 4.41 -1.75
C ILE C 433 31.70 5.93 -1.68
N ASN C 434 30.64 6.46 -2.27
CA ASN C 434 30.36 7.89 -2.22
C ASN C 434 29.58 8.30 -0.98
N PHE C 435 29.20 7.36 -0.12
CA PHE C 435 28.59 7.73 1.14
C PHE C 435 29.63 8.26 2.12
N PHE C 436 30.86 7.77 2.02
CA PHE C 436 31.94 8.10 2.93
C PHE C 436 32.81 9.23 2.40
N THR C 437 33.08 9.24 1.10
CA THR C 437 33.90 10.28 0.50
C THR C 437 33.10 11.54 0.16
N GLY C 438 31.79 11.42 0.04
CA GLY C 438 30.95 12.59 -0.18
C GLY C 438 30.40 13.17 1.12
N PHE C 439 31.29 13.56 2.02
CA PHE C 439 30.89 14.16 3.29
C PHE C 439 31.15 15.66 3.25
N LYS C 440 30.09 16.45 3.42
CA LYS C 440 30.17 17.88 3.59
C LYS C 440 29.37 18.24 4.84
N PHE C 441 29.84 19.00 5.79
CA PHE C 441 29.12 19.27 7.01
C PHE C 441 27.99 20.20 6.88
N SER C 442 26.89 19.94 7.54
CA SER C 442 25.85 20.78 7.68
C SER C 442 25.25 20.39 8.99
N VAL C 443 24.40 21.20 9.55
CA VAL C 443 23.68 20.84 10.71
C VAL C 443 22.58 19.89 10.36
N ALA C 444 22.13 19.73 9.17
CA ALA C 444 21.17 18.69 8.80
C ALA C 444 21.75 17.29 8.85
N TRP C 445 23.07 17.13 9.00
CA TRP C 445 23.65 15.81 9.19
C TRP C 445 23.30 15.19 10.53
N TRP C 446 22.99 16.01 11.55
CA TRP C 446 22.60 15.47 12.83
C TRP C 446 21.27 14.73 12.75
N SER C 447 20.42 15.02 11.94
CA SER C 447 19.20 14.40 11.78
C SER C 447 19.24 13.21 10.86
N TYR C 448 20.30 12.81 10.23
CA TYR C 448 20.50 11.72 9.39
C TYR C 448 21.27 10.66 10.14
N THR C 449 21.67 10.85 11.34
CA THR C 449 22.37 10.03 12.18
C THR C 449 21.37 9.43 12.98
N PHE C 450 20.39 10.13 13.44
CA PHE C 450 19.25 9.60 14.19
C PHE C 450 18.63 8.30 13.64
N PRO C 451 18.27 8.15 12.35
CA PRO C 451 17.64 6.89 11.96
C PRO C 451 18.61 5.73 11.76
N MET C 452 19.91 5.99 11.78
CA MET C 452 20.92 4.93 11.73
C MET C 452 21.30 4.43 13.11
N THR C 453 20.97 5.18 14.15
CA THR C 453 21.11 4.75 15.53
C THR C 453 19.90 3.93 15.98
N THR C 454 18.73 4.26 15.46
CA THR C 454 17.52 3.49 15.76
C THR C 454 17.60 2.11 15.15
N ALA C 455 18.25 1.99 14.00
CA ALA C 455 18.44 0.69 13.36
C ALA C 455 19.47 -0.16 14.07
N SER C 456 20.35 0.46 14.86
CA SER C 456 21.28 -0.28 15.70
C SER C 456 20.62 -0.84 16.95
N VAL C 457 19.58 -0.16 17.43
CA VAL C 457 18.83 -0.64 18.59
C VAL C 457 17.97 -1.84 18.20
N ALA C 458 17.49 -1.87 16.96
CA ALA C 458 16.63 -2.97 16.53
C ALA C 458 17.42 -4.22 16.20
N THR C 459 18.70 -4.09 15.90
CA THR C 459 19.52 -5.27 15.63
C THR C 459 20.19 -5.83 16.88
N ILE C 460 20.11 -5.12 18.00
CA ILE C 460 20.48 -5.71 19.28
C ILE C 460 19.35 -6.62 19.78
N LYS C 461 18.11 -6.20 19.56
CA LYS C 461 16.97 -7.02 19.95
C LYS C 461 16.73 -8.19 19.01
N TYR C 462 17.21 -8.10 17.77
CA TYR C 462 17.22 -9.26 16.89
C TYR C 462 18.29 -10.26 17.29
N ALA C 463 19.40 -9.79 17.86
CA ALA C 463 20.46 -10.67 18.30
C ALA C 463 20.11 -11.43 19.57
N GLU C 464 19.05 -11.03 20.26
CA GLU C 464 18.56 -11.74 21.44
C GLU C 464 17.59 -12.86 21.07
N ALA C 465 16.81 -12.68 20.01
CA ALA C 465 15.88 -13.70 19.56
C ALA C 465 16.59 -14.80 18.77
N VAL C 466 17.61 -14.42 18.01
CA VAL C 466 18.39 -15.36 17.20
C VAL C 466 19.81 -15.38 17.75
N PRO C 467 20.15 -16.30 18.64
CA PRO C 467 21.51 -16.32 19.18
C PRO C 467 22.49 -17.00 18.24
N GLY C 468 23.76 -16.63 18.39
CA GLY C 468 24.81 -17.15 17.54
C GLY C 468 25.73 -16.07 17.03
N TYR C 469 26.90 -16.47 16.52
CA TYR C 469 27.89 -15.48 16.05
C TYR C 469 27.51 -14.62 14.85
N PRO C 470 26.73 -15.06 13.83
CA PRO C 470 26.39 -14.11 12.75
C PRO C 470 25.48 -12.96 13.17
N SER C 471 24.71 -13.09 14.24
CA SER C 471 23.88 -11.98 14.67
C SER C 471 24.57 -11.08 15.69
N ARG C 472 25.61 -11.58 16.38
CA ARG C 472 26.44 -10.70 17.20
C ARG C 472 27.26 -9.76 16.34
N ALA C 473 27.77 -10.27 15.22
CA ALA C 473 28.65 -9.46 14.37
C ALA C 473 27.87 -8.42 13.57
N LEU C 474 26.59 -8.69 13.28
CA LEU C 474 25.77 -7.70 12.61
C LEU C 474 25.41 -6.56 13.55
N ALA C 475 25.15 -6.88 14.82
CA ALA C 475 24.75 -5.86 15.78
C ALA C 475 25.90 -4.96 16.17
N LEU C 476 27.13 -5.48 16.17
CA LEU C 476 28.29 -4.67 16.53
C LEU C 476 28.83 -3.86 15.36
N THR C 477 28.48 -4.20 14.13
CA THR C 477 28.96 -3.41 13.01
C THR C 477 28.00 -2.31 12.61
N LEU C 478 26.72 -2.39 12.96
CA LEU C 478 25.84 -1.25 12.74
C LEU C 478 25.95 -0.23 13.85
N SER C 479 26.19 -0.67 15.07
CA SER C 479 26.36 0.25 16.18
C SER C 479 27.76 0.81 16.29
N PHE C 480 28.67 0.41 15.41
CA PHE C 480 29.96 1.08 15.30
C PHE C 480 29.93 2.20 14.28
N ILE C 481 29.20 2.02 13.18
CA ILE C 481 29.11 3.04 12.15
C ILE C 481 28.32 4.24 12.65
N SER C 482 27.31 3.99 13.47
CA SER C 482 26.45 5.08 13.93
C SER C 482 27.13 5.93 15.00
N THR C 483 27.89 5.32 15.91
CA THR C 483 28.57 6.11 16.93
C THR C 483 29.83 6.78 16.40
N ALA C 484 30.40 6.28 15.31
CA ALA C 484 31.57 6.92 14.73
C ALA C 484 31.22 8.12 13.88
N MET C 485 29.95 8.29 13.49
CA MET C 485 29.55 9.49 12.80
C MET C 485 29.14 10.60 13.75
N VAL C 486 28.60 10.24 14.91
CA VAL C 486 28.29 11.23 15.94
C VAL C 486 29.57 11.84 16.47
N CYS C 487 30.64 11.05 16.57
CA CYS C 487 31.91 11.58 17.02
C CYS C 487 32.57 12.48 15.98
N VAL C 488 32.31 12.23 14.69
CA VAL C 488 32.75 13.16 13.65
C VAL C 488 31.94 14.43 13.71
N LEU C 489 30.62 14.31 13.89
CA LEU C 489 29.76 15.49 13.96
C LEU C 489 29.98 16.30 15.22
N PHE C 490 30.41 15.66 16.30
CA PHE C 490 30.63 16.39 17.55
C PHE C 490 31.85 17.29 17.46
N VAL C 491 32.89 16.85 16.75
CA VAL C 491 34.12 17.64 16.66
C VAL C 491 33.98 18.73 15.62
N SER C 492 33.31 18.44 14.50
CA SER C 492 33.16 19.45 13.45
C SER C 492 32.10 20.48 13.79
N THR C 493 31.25 20.24 14.80
CA THR C 493 30.34 21.27 15.27
C THR C 493 31.06 22.22 16.23
N LEU C 494 32.01 21.70 17.01
CA LEU C 494 32.79 22.55 17.89
C LEU C 494 33.80 23.40 17.10
N LEU C 495 34.24 22.93 15.94
CA LEU C 495 35.15 23.71 15.13
C LEU C 495 34.44 24.81 14.35
N HIS C 496 33.25 24.52 13.83
CA HIS C 496 32.47 25.54 13.14
C HIS C 496 31.87 26.58 14.08
N ALA C 497 31.77 26.30 15.37
CA ALA C 497 31.17 27.26 16.28
C ALA C 497 32.19 28.21 16.88
N PHE C 498 33.35 27.72 17.29
CA PHE C 498 34.27 28.48 18.12
C PHE C 498 35.58 28.83 17.42
N VAL C 499 36.00 28.06 16.42
CA VAL C 499 37.26 28.28 15.72
C VAL C 499 37.04 29.07 14.44
N TRP C 500 36.00 28.72 13.68
CA TRP C 500 35.69 29.41 12.44
C TRP C 500 34.48 30.33 12.55
N GLN C 501 33.60 30.08 13.52
CA GLN C 501 32.40 30.86 13.81
C GLN C 501 31.49 30.97 12.58
N THR C 502 30.99 29.83 12.14
CA THR C 502 30.13 29.80 10.96
C THR C 502 28.99 28.81 11.07
N LEU C 503 28.47 28.58 12.29
CA LEU C 503 27.26 27.76 12.40
C LEU C 503 25.99 28.49 12.00
N PHE C 504 25.92 29.79 12.23
CA PHE C 504 24.67 30.54 12.06
C PHE C 504 24.88 31.66 11.07
N PRO C 505 24.76 31.40 9.76
CA PRO C 505 24.77 32.49 8.79
C PRO C 505 23.38 33.11 8.67
N ASN C 506 23.20 34.01 7.72
CA ASN C 506 21.88 34.58 7.48
C ASN C 506 20.95 33.50 6.92
N ASP C 507 19.78 33.35 7.53
CA ASP C 507 18.81 32.34 7.13
C ASP C 507 17.95 32.93 6.03
N LEU C 508 18.48 32.87 4.81
CA LEU C 508 17.89 33.58 3.68
C LEU C 508 16.65 32.90 3.11
N ALA C 509 16.36 31.67 3.51
CA ALA C 509 15.24 30.95 2.90
C ALA C 509 13.88 31.40 3.41
N ILE C 510 13.83 32.12 4.53
CA ILE C 510 12.55 32.59 5.06
C ILE C 510 12.18 33.98 4.57
N ALA C 511 13.09 34.70 3.93
CA ALA C 511 12.88 36.09 3.59
C ALA C 511 12.44 36.29 2.15
N ILE C 512 11.95 35.25 1.48
CA ILE C 512 11.60 35.37 0.08
C ILE C 512 10.31 36.16 -0.09
N THR C 513 10.11 36.69 -1.29
CA THR C 513 8.91 37.44 -1.59
C THR C 513 7.75 36.50 -1.91
N LYS C 514 6.54 37.02 -1.78
CA LYS C 514 5.35 36.18 -1.91
C LYS C 514 5.02 35.90 -3.37
N ARG C 515 5.20 36.88 -4.26
CA ARG C 515 4.54 36.82 -5.55
C ARG C 515 5.49 36.56 -6.72
N LYS C 516 6.49 37.40 -6.92
CA LYS C 516 7.19 37.40 -8.21
C LYS C 516 8.38 36.47 -8.18
N LEU C 517 8.83 36.09 -9.38
CA LEU C 517 10.03 35.29 -9.52
C LEU C 517 11.26 36.17 -9.69
#